data_8JRD
#
_entry.id   8JRD
#
_cell.length_a   54.610
_cell.length_b   97.470
_cell.length_c   157.540
_cell.angle_alpha   90.00
_cell.angle_beta   90.00
_cell.angle_gamma   90.00
#
_symmetry.space_group_name_H-M   'P 21 21 21'
#
loop_
_entity.id
_entity.type
_entity.pdbx_description
1 polymer 'chalcone synthase'
2 non-polymer 'COENZYME A'
3 non-polymer NARINGENIN
4 non-polymer 1,2-ETHANEDIOL
5 non-polymer 'TRIETHYLENE GLYCOL'
6 non-polymer DI(HYDROXYETHYL)ETHER
7 water water
#
_entity_poly.entity_id   1
_entity_poly.type   'polypeptide(L)'
_entity_poly.pdbx_seq_one_letter_code
;MNHKVHHHHHHIEGRHMVSVEEIRKAQRAEGPATVMAIGTATPPNCVDQSTYPDYYFRITNSEHMTELKEKFKRMCDKSM
IKKRYMYLNEEILKENPSVCAYMAPSLDARQDMVVVEVPKLGKEAATKAIKEWGQPKSKITHLIFCTTSGVD(SME)PGA
DYQLTKLLGLRPSVKRYMMYQQG(CSD)FAGGTVLRLAKDLAENNKGARVLVVCSEITAVTFRGPTDTHLDSLVGQALFG
DGAAAVIVGSDPLPVEKPLFQLVWTAQTILPDSEGAIDGHLREVGLTFHLLKDVPGLISKNIEKALVEAFQPLGISDYNS
IFWIAHPGGPAILDQVEAKLGLKPEKMEATRHVLSEYGNMSSACVLFILDQMRKKSIENGLGTTGEGLDWGVLFGFGPGL
TVETVVLRSVTL
;
_entity_poly.pdbx_strand_id   A,B
#
# COMPACT_ATOMS: atom_id res chain seq x y z
N HIS A 16 -33.22 -11.64 20.00
CA HIS A 16 -33.33 -10.34 19.26
C HIS A 16 -32.78 -10.48 17.83
N MET A 17 -33.13 -9.54 16.94
CA MET A 17 -32.56 -9.39 15.57
C MET A 17 -31.19 -8.73 15.73
N VAL A 18 -30.14 -9.25 15.09
CA VAL A 18 -28.77 -8.66 15.22
C VAL A 18 -28.72 -7.34 14.41
N SER A 19 -28.29 -6.26 15.05
CA SER A 19 -28.20 -4.92 14.45
C SER A 19 -26.74 -4.61 14.15
N VAL A 20 -26.49 -3.75 13.17
CA VAL A 20 -25.11 -3.32 12.83
C VAL A 20 -24.53 -2.61 14.05
N GLU A 21 -25.32 -1.83 14.79
CA GLU A 21 -24.84 -1.09 15.99
C GLU A 21 -24.44 -2.07 17.09
N GLU A 22 -25.13 -3.21 17.24
CA GLU A 22 -24.75 -4.22 18.24
C GLU A 22 -23.46 -4.91 17.77
N ILE A 23 -23.37 -5.25 16.50
CA ILE A 23 -22.15 -5.87 15.92
C ILE A 23 -20.94 -4.95 16.19
N ARG A 24 -21.10 -3.66 15.90
CA ARG A 24 -20.00 -2.68 16.06
C ARG A 24 -19.52 -2.64 17.52
N LYS A 25 -20.42 -2.62 18.51
CA LYS A 25 -20.02 -2.54 19.94
C LYS A 25 -19.29 -3.82 20.35
N ALA A 26 -19.72 -4.97 19.86
CA ALA A 26 -19.10 -6.26 20.23
C ALA A 26 -17.75 -6.44 19.50
N GLN A 27 -17.52 -5.79 18.35
CA GLN A 27 -16.31 -6.16 17.55
C GLN A 27 -15.14 -5.21 17.78
N ARG A 28 -15.30 -4.10 18.51
CA ARG A 28 -14.22 -3.10 18.66
C ARG A 28 -13.43 -3.37 19.94
N ALA A 29 -12.18 -2.95 19.98
CA ALA A 29 -11.31 -3.14 21.15
C ALA A 29 -11.51 -1.96 22.11
N GLU A 30 -10.98 -1.99 23.33
CA GLU A 30 -11.23 -0.91 24.31
C GLU A 30 -9.98 -0.02 24.49
N GLY A 31 -8.77 -0.60 24.55
CA GLY A 31 -7.60 0.18 24.97
C GLY A 31 -6.74 0.65 23.80
N PRO A 32 -5.69 1.39 24.12
CA PRO A 32 -4.76 1.96 23.15
C PRO A 32 -3.89 0.88 22.51
N ALA A 33 -3.57 1.06 21.24
CA ALA A 33 -2.69 0.16 20.49
C ALA A 33 -1.34 0.11 21.22
N THR A 34 -0.82 -1.09 21.44
CA THR A 34 0.37 -1.34 22.25
C THR A 34 1.37 -2.14 21.45
N VAL A 35 2.61 -1.67 21.37
CA VAL A 35 3.75 -2.43 20.78
C VAL A 35 4.15 -3.49 21.82
N MET A 36 4.10 -4.74 21.44
CA MET A 36 4.37 -5.90 22.33
C MET A 36 5.63 -6.67 21.95
N ALA A 37 6.22 -6.40 20.80
CA ALA A 37 7.46 -7.05 20.34
C ALA A 37 8.10 -6.24 19.25
N ILE A 38 9.42 -6.29 19.20
CA ILE A 38 10.22 -5.73 18.10
C ILE A 38 11.33 -6.74 17.76
N GLY A 39 11.46 -7.08 16.50
CA GLY A 39 12.54 -7.91 15.96
C GLY A 39 13.23 -7.22 14.82
N THR A 40 14.52 -7.47 14.61
CA THR A 40 15.25 -6.85 13.47
C THR A 40 16.17 -7.88 12.83
N ALA A 41 16.47 -7.65 11.57
CA ALA A 41 17.33 -8.57 10.78
C ALA A 41 18.05 -7.76 9.71
N THR A 42 19.25 -8.20 9.35
CA THR A 42 20.04 -7.60 8.27
C THR A 42 20.60 -8.72 7.41
N PRO A 43 20.92 -8.44 6.14
CA PRO A 43 21.76 -9.34 5.37
C PRO A 43 23.11 -9.54 6.06
N PRO A 44 23.75 -10.69 5.80
CA PRO A 44 25.02 -10.99 6.48
C PRO A 44 26.23 -10.15 6.01
N ASN A 45 26.24 -9.65 4.78
CA ASN A 45 27.41 -8.92 4.21
C ASN A 45 27.53 -7.55 4.88
N CYS A 46 28.50 -7.40 5.77
CA CYS A 46 28.77 -6.14 6.47
C CYS A 46 29.76 -5.30 5.66
N VAL A 47 29.41 -4.06 5.32
CA VAL A 47 30.29 -3.21 4.48
C VAL A 47 30.80 -2.05 5.32
N ASP A 48 32.12 -2.00 5.55
CA ASP A 48 32.78 -0.92 6.30
C ASP A 48 32.65 0.42 5.58
N GLN A 49 32.17 1.48 6.24
CA GLN A 49 32.05 2.79 5.57
C GLN A 49 33.44 3.37 5.32
N SER A 50 34.42 3.11 6.19
CA SER A 50 35.76 3.78 6.07
C SER A 50 36.39 3.40 4.73
N THR A 51 36.10 2.22 4.20
CA THR A 51 36.71 1.72 2.92
C THR A 51 35.69 1.66 1.79
N TYR A 52 34.48 2.20 1.99
CA TYR A 52 33.41 2.05 0.97
C TYR A 52 33.79 2.80 -0.32
N PRO A 53 34.35 4.02 -0.28
CA PRO A 53 34.69 4.68 -1.55
C PRO A 53 35.64 3.85 -2.43
N ASP A 54 36.63 3.20 -1.83
CA ASP A 54 37.56 2.31 -2.59
C ASP A 54 36.76 1.12 -3.11
N TYR A 55 35.94 0.48 -2.28
CA TYR A 55 35.15 -0.73 -2.67
C TYR A 55 34.21 -0.34 -3.82
N TYR A 56 33.46 0.74 -3.64
CA TYR A 56 32.40 1.16 -4.58
C TYR A 56 33.03 1.53 -5.92
N PHE A 57 34.13 2.30 -5.94
CA PHE A 57 34.70 2.79 -7.22
C PHE A 57 35.38 1.61 -7.93
N ARG A 58 35.84 0.61 -7.18
CA ARG A 58 36.46 -0.60 -7.74
C ARG A 58 35.41 -1.53 -8.36
N ILE A 59 34.35 -1.87 -7.63
CA ILE A 59 33.39 -2.87 -8.18
C ILE A 59 32.52 -2.24 -9.26
N THR A 60 32.52 -0.92 -9.41
CA THR A 60 31.81 -0.23 -10.52
C THR A 60 32.79 0.15 -11.66
N ASN A 61 34.05 -0.26 -11.56
CA ASN A 61 35.11 -0.03 -12.60
C ASN A 61 35.14 1.47 -12.88
N SER A 62 35.17 2.30 -11.83
CA SER A 62 35.11 3.77 -11.96
C SER A 62 36.35 4.48 -11.38
N GLU A 63 37.47 3.76 -11.25
N GLU A 63 37.48 3.79 -11.22
CA GLU A 63 38.71 4.23 -10.57
CA GLU A 63 38.66 4.34 -10.50
C GLU A 63 39.26 5.47 -11.29
C GLU A 63 39.26 5.52 -11.28
N HIS A 64 38.99 5.61 -12.59
CA HIS A 64 39.49 6.75 -13.42
C HIS A 64 38.78 8.06 -13.03
N MET A 65 37.64 8.04 -12.31
CA MET A 65 36.90 9.26 -11.90
C MET A 65 37.48 9.77 -10.58
N THR A 66 38.75 10.22 -10.57
CA THR A 66 39.51 10.48 -9.32
C THR A 66 38.87 11.66 -8.58
N GLU A 67 38.46 12.73 -9.25
CA GLU A 67 37.84 13.92 -8.59
C GLU A 67 36.51 13.52 -7.95
N LEU A 68 35.75 12.68 -8.64
CA LEU A 68 34.40 12.26 -8.15
C LEU A 68 34.61 11.37 -6.92
N LYS A 69 35.62 10.52 -6.97
CA LYS A 69 35.88 9.61 -5.84
C LYS A 69 36.20 10.46 -4.59
N GLU A 70 36.89 11.59 -4.76
CA GLU A 70 37.28 12.45 -3.61
C GLU A 70 36.00 13.02 -3.00
N LYS A 71 35.08 13.42 -3.87
CA LYS A 71 33.76 13.95 -3.44
C LYS A 71 33.02 12.84 -2.68
N PHE A 72 33.07 11.60 -3.15
CA PHE A 72 32.33 10.47 -2.54
C PHE A 72 32.95 10.18 -1.19
N LYS A 73 34.27 10.28 -1.09
CA LYS A 73 34.98 10.03 0.17
C LYS A 73 34.50 11.06 1.20
N ARG A 74 34.33 12.32 0.82
CA ARG A 74 33.87 13.35 1.78
C ARG A 74 32.44 13.04 2.24
N MET A 75 31.58 12.62 1.31
CA MET A 75 30.19 12.18 1.61
C MET A 75 30.20 11.04 2.64
N CYS A 76 31.01 10.02 2.43
CA CYS A 76 31.07 8.83 3.32
C CYS A 76 31.66 9.26 4.67
N ASP A 77 32.73 10.07 4.67
CA ASP A 77 33.40 10.56 5.92
C ASP A 77 32.44 11.45 6.74
N LYS A 78 31.53 12.19 6.10
CA LYS A 78 30.58 13.06 6.84
C LYS A 78 29.27 12.33 7.19
N SER A 79 29.03 11.12 6.66
CA SER A 79 27.74 10.39 6.76
C SER A 79 27.45 10.02 8.22
N MET A 80 28.48 9.88 9.07
CA MET A 80 28.37 9.41 10.48
C MET A 80 27.83 7.98 10.48
N ILE A 81 28.07 7.24 9.41
CA ILE A 81 27.80 5.79 9.26
C ILE A 81 29.12 5.05 9.44
N LYS A 82 29.16 4.04 10.29
CA LYS A 82 30.36 3.19 10.47
C LYS A 82 30.27 1.98 9.53
N LYS A 83 29.09 1.39 9.40
CA LYS A 83 28.93 0.18 8.56
C LYS A 83 27.49 0.08 8.11
N ARG A 84 27.27 -0.67 7.05
CA ARG A 84 25.93 -1.03 6.54
C ARG A 84 25.96 -2.51 6.21
N TYR A 85 24.79 -3.12 6.16
CA TYR A 85 24.61 -4.51 5.68
C TYR A 85 23.97 -4.46 4.31
N MET A 86 24.45 -5.31 3.42
CA MET A 86 23.98 -5.25 2.02
C MET A 86 23.81 -6.69 1.50
N TYR A 87 22.63 -6.95 0.94
CA TYR A 87 22.40 -8.18 0.16
C TYR A 87 23.43 -8.26 -0.98
N LEU A 88 23.68 -7.13 -1.66
CA LEU A 88 24.66 -7.09 -2.77
C LEU A 88 26.06 -7.38 -2.25
N ASN A 89 26.80 -8.18 -2.99
CA ASN A 89 28.23 -8.47 -2.70
C ASN A 89 28.96 -8.48 -4.04
N GLU A 90 30.26 -8.71 -3.97
CA GLU A 90 31.12 -8.64 -5.16
C GLU A 90 30.70 -9.71 -6.16
N GLU A 91 30.34 -10.91 -5.72
CA GLU A 91 29.97 -12.02 -6.65
C GLU A 91 28.68 -11.66 -7.43
N ILE A 92 27.65 -11.22 -6.69
CA ILE A 92 26.36 -10.81 -7.29
C ILE A 92 26.59 -9.65 -8.25
N LEU A 93 27.43 -8.69 -7.89
CA LEU A 93 27.69 -7.55 -8.83
C LEU A 93 28.42 -8.01 -10.08
N LYS A 94 29.38 -8.95 -9.97
CA LYS A 94 30.08 -9.50 -11.15
C LYS A 94 29.09 -10.29 -11.99
N GLU A 95 28.08 -10.93 -11.41
CA GLU A 95 27.03 -11.68 -12.15
C GLU A 95 25.99 -10.76 -12.81
N ASN A 96 25.87 -9.51 -12.36
CA ASN A 96 24.83 -8.56 -12.81
C ASN A 96 25.46 -7.22 -13.10
N PRO A 97 26.36 -7.13 -14.11
CA PRO A 97 27.06 -5.88 -14.39
C PRO A 97 26.15 -4.70 -14.79
N SER A 98 24.91 -4.96 -15.23
CA SER A 98 23.97 -3.87 -15.58
C SER A 98 23.62 -3.06 -14.31
N VAL A 99 23.69 -3.68 -13.14
CA VAL A 99 23.40 -3.02 -11.83
C VAL A 99 24.55 -2.07 -11.45
N CYS A 100 25.78 -2.37 -11.88
CA CYS A 100 26.98 -1.54 -11.62
C CYS A 100 27.08 -0.33 -12.54
N ALA A 101 26.36 -0.31 -13.67
CA ALA A 101 26.36 0.86 -14.56
C ALA A 101 25.63 1.97 -13.83
N TYR A 102 25.93 3.22 -14.15
CA TYR A 102 25.14 4.37 -13.64
C TYR A 102 23.69 4.19 -14.11
N MET A 103 23.44 4.00 -15.42
N MET A 103 23.48 4.11 -15.41
CA MET A 103 22.08 4.05 -16.04
CA MET A 103 22.15 3.96 -16.00
C MET A 103 21.88 3.02 -17.17
C MET A 103 22.25 2.99 -17.17
N ALA A 104 22.03 1.72 -16.88
CA ALA A 104 21.81 0.65 -17.87
C ALA A 104 20.51 -0.04 -17.49
N PRO A 105 19.68 -0.41 -18.47
CA PRO A 105 18.55 -1.30 -18.25
C PRO A 105 18.90 -2.51 -17.38
N SER A 106 18.22 -2.61 -16.23
CA SER A 106 18.64 -3.50 -15.13
C SER A 106 17.48 -3.86 -14.21
N LEU A 107 16.27 -3.36 -14.46
CA LEU A 107 15.14 -3.63 -13.53
C LEU A 107 14.87 -5.12 -13.41
N ASP A 108 14.86 -5.89 -14.50
CA ASP A 108 14.56 -7.35 -14.38
C ASP A 108 15.57 -8.04 -13.46
N ALA A 109 16.87 -7.74 -13.58
CA ALA A 109 17.94 -8.29 -12.72
C ALA A 109 17.68 -7.89 -11.27
N ARG A 110 17.21 -6.65 -11.04
CA ARG A 110 17.02 -6.15 -9.65
C ARG A 110 15.77 -6.80 -9.05
N GLN A 111 14.67 -6.82 -9.81
CA GLN A 111 13.41 -7.46 -9.40
C GLN A 111 13.69 -8.93 -9.05
N ASP A 112 14.46 -9.63 -9.88
CA ASP A 112 14.74 -11.06 -9.63
C ASP A 112 15.34 -11.23 -8.22
N MET A 113 16.22 -10.31 -7.80
CA MET A 113 16.76 -10.33 -6.43
C MET A 113 15.67 -10.01 -5.38
N VAL A 114 15.06 -8.82 -5.45
CA VAL A 114 14.32 -8.27 -4.28
C VAL A 114 12.96 -8.94 -4.13
N VAL A 115 12.36 -9.46 -5.19
CA VAL A 115 11.04 -10.14 -5.04
C VAL A 115 11.21 -11.36 -4.13
N VAL A 116 12.38 -11.99 -4.16
CA VAL A 116 12.72 -13.11 -3.24
C VAL A 116 13.25 -12.58 -1.90
N GLU A 117 14.25 -11.70 -1.91
CA GLU A 117 15.06 -11.35 -0.71
C GLU A 117 14.27 -10.48 0.26
N VAL A 118 13.36 -9.66 -0.23
CA VAL A 118 12.58 -8.73 0.65
C VAL A 118 11.75 -9.57 1.63
N PRO A 119 10.90 -10.50 1.17
CA PRO A 119 10.13 -11.30 2.12
C PRO A 119 11.00 -12.26 2.95
N LYS A 120 12.10 -12.74 2.39
CA LYS A 120 13.03 -13.62 3.15
C LYS A 120 13.57 -12.85 4.35
N LEU A 121 14.06 -11.63 4.14
CA LEU A 121 14.61 -10.82 5.26
C LEU A 121 13.48 -10.45 6.20
N GLY A 122 12.29 -10.17 5.67
CA GLY A 122 11.14 -9.83 6.53
C GLY A 122 10.78 -11.02 7.42
N LYS A 123 10.91 -12.24 6.88
CA LYS A 123 10.64 -13.47 7.66
C LYS A 123 11.58 -13.54 8.88
N GLU A 124 12.87 -13.27 8.69
N GLU A 124 12.86 -13.23 8.69
CA GLU A 124 13.83 -13.32 9.81
CA GLU A 124 13.88 -13.29 9.76
C GLU A 124 13.35 -12.36 10.89
C GLU A 124 13.53 -12.30 10.88
N ALA A 125 13.02 -11.10 10.53
CA ALA A 125 12.64 -10.08 11.53
C ALA A 125 11.35 -10.53 12.21
N ALA A 126 10.39 -11.03 11.44
CA ALA A 126 9.07 -11.43 11.94
C ALA A 126 9.21 -12.57 12.95
N THR A 127 10.04 -13.56 12.65
CA THR A 127 10.25 -14.73 13.54
C THR A 127 10.75 -14.19 14.89
N LYS A 128 11.67 -13.25 14.89
CA LYS A 128 12.21 -12.66 16.14
C LYS A 128 11.14 -11.88 16.90
N ALA A 129 10.26 -11.15 16.20
CA ALA A 129 9.17 -10.43 16.87
C ALA A 129 8.20 -11.45 17.48
N ILE A 130 7.84 -12.46 16.73
CA ILE A 130 6.91 -13.51 17.24
C ILE A 130 7.52 -14.20 18.48
N LYS A 131 8.81 -14.48 18.44
CA LYS A 131 9.50 -15.18 19.56
C LYS A 131 9.40 -14.29 20.81
N GLU A 132 9.63 -12.98 20.69
CA GLU A 132 9.57 -12.05 21.84
C GLU A 132 8.14 -11.97 22.37
N TRP A 133 7.16 -11.92 21.47
CA TRP A 133 5.72 -11.76 21.83
C TRP A 133 5.30 -12.96 22.71
N GLY A 134 5.74 -14.15 22.31
CA GLY A 134 5.58 -15.36 23.13
C GLY A 134 4.22 -16.00 22.99
N GLN A 135 3.45 -15.60 21.98
CA GLN A 135 2.10 -16.09 21.69
C GLN A 135 2.12 -16.90 20.40
N PRO A 136 1.11 -17.76 20.19
CA PRO A 136 1.03 -18.53 18.96
C PRO A 136 0.82 -17.61 17.75
N LYS A 137 1.53 -17.89 16.67
CA LYS A 137 1.40 -17.11 15.40
C LYS A 137 0.00 -17.30 14.77
N SER A 138 -0.76 -18.32 15.18
CA SER A 138 -2.19 -18.51 14.77
C SER A 138 -3.04 -17.32 15.26
N LYS A 139 -2.57 -16.55 16.24
CA LYS A 139 -3.32 -15.42 16.85
C LYS A 139 -3.07 -14.10 16.10
N ILE A 140 -2.17 -14.10 15.13
CA ILE A 140 -1.96 -12.91 14.26
C ILE A 140 -3.16 -12.79 13.34
N THR A 141 -3.85 -11.66 13.38
CA THR A 141 -5.10 -11.45 12.62
C THR A 141 -4.86 -10.53 11.43
N HIS A 142 -3.83 -9.69 11.52
CA HIS A 142 -3.55 -8.68 10.48
C HIS A 142 -2.04 -8.66 10.20
N LEU A 143 -1.66 -8.42 8.96
CA LEU A 143 -0.26 -8.31 8.54
C LEU A 143 -0.12 -7.05 7.70
N ILE A 144 0.80 -6.17 8.08
CA ILE A 144 1.20 -5.00 7.26
C ILE A 144 2.61 -5.31 6.77
N PHE A 145 2.79 -5.31 5.47
CA PHE A 145 4.13 -5.50 4.88
C PHE A 145 4.44 -4.21 4.13
N CYS A 146 5.60 -3.64 4.41
CA CYS A 146 6.02 -2.36 3.84
C CYS A 146 7.40 -2.50 3.20
N THR A 147 7.58 -2.04 1.98
CA THR A 147 8.91 -1.99 1.33
C THR A 147 8.92 -0.84 0.31
N THR A 148 10.13 -0.39 -0.02
CA THR A 148 10.45 0.51 -1.12
C THR A 148 11.26 -0.24 -2.20
N SER A 149 11.47 -1.54 -2.04
CA SER A 149 12.40 -2.42 -2.79
C SER A 149 11.62 -3.45 -3.60
N GLY A 150 11.18 -3.08 -4.79
CA GLY A 150 10.54 -4.01 -5.74
C GLY A 150 9.03 -4.11 -5.57
N VAL A 151 8.35 -4.68 -6.55
CA VAL A 151 6.89 -4.96 -6.46
C VAL A 151 6.65 -6.29 -7.18
N ASP A 152 5.55 -6.95 -6.85
CA ASP A 152 5.16 -8.23 -7.46
C ASP A 152 3.69 -8.49 -7.12
N PRO A 154 1.25 -12.08 -6.66
CA PRO A 154 0.91 -11.57 -5.33
C PRO A 154 2.12 -10.93 -4.64
N GLY A 155 1.88 -10.09 -3.61
CA GLY A 155 2.95 -9.22 -3.07
C GLY A 155 3.83 -9.93 -2.05
N ALA A 156 4.77 -9.20 -1.48
CA ALA A 156 5.61 -9.68 -0.36
C ALA A 156 4.77 -10.11 0.86
N ASP A 157 3.60 -9.51 1.08
CA ASP A 157 2.65 -9.86 2.18
C ASP A 157 2.22 -11.33 2.04
N TYR A 158 1.84 -11.71 0.84
CA TYR A 158 1.47 -13.10 0.50
C TYR A 158 2.67 -14.03 0.70
N GLN A 159 3.84 -13.65 0.21
CA GLN A 159 5.08 -14.48 0.35
C GLN A 159 5.38 -14.67 1.84
N LEU A 160 5.27 -13.61 2.64
CA LEU A 160 5.59 -13.70 4.08
C LEU A 160 4.55 -14.59 4.77
N THR A 161 3.29 -14.48 4.41
CA THR A 161 2.21 -15.30 4.99
C THR A 161 2.56 -16.79 4.74
N LYS A 162 3.01 -17.11 3.53
CA LYS A 162 3.38 -18.51 3.19
C LYS A 162 4.64 -18.93 3.97
N LEU A 163 5.66 -18.08 4.00
CA LEU A 163 6.94 -18.39 4.70
C LEU A 163 6.71 -18.63 6.20
N LEU A 164 5.89 -17.81 6.89
CA LEU A 164 5.67 -17.92 8.35
C LEU A 164 4.63 -18.96 8.69
N GLY A 165 3.79 -19.36 7.73
CA GLY A 165 2.64 -20.24 8.01
C GLY A 165 1.60 -19.51 8.84
N LEU A 166 1.33 -18.24 8.54
CA LEU A 166 0.20 -17.55 9.22
C LEU A 166 -1.11 -18.17 8.73
N ARG A 167 -2.23 -17.86 9.37
CA ARG A 167 -3.53 -18.39 8.90
C ARG A 167 -3.81 -17.79 7.53
N PRO A 168 -4.40 -18.57 6.62
CA PRO A 168 -4.75 -18.06 5.30
C PRO A 168 -5.67 -16.81 5.34
N SER A 169 -6.44 -16.66 6.42
CA SER A 169 -7.44 -15.57 6.61
C SER A 169 -6.83 -14.37 7.32
N VAL A 170 -5.50 -14.29 7.40
CA VAL A 170 -4.83 -13.06 7.92
C VAL A 170 -5.21 -11.90 6.97
N LYS A 171 -5.57 -10.76 7.54
CA LYS A 171 -5.96 -9.55 6.78
C LYS A 171 -4.70 -8.78 6.45
N ARG A 172 -4.40 -8.66 5.18
CA ARG A 172 -3.11 -8.13 4.71
C ARG A 172 -3.28 -6.72 4.15
N TYR A 173 -2.23 -5.91 4.35
CA TYR A 173 -2.07 -4.53 3.86
C TYR A 173 -0.67 -4.48 3.26
N MET A 174 -0.59 -4.42 1.93
CA MET A 174 0.66 -4.46 1.18
C MET A 174 0.97 -3.02 0.78
N MET A 175 2.02 -2.48 1.39
N MET A 175 1.99 -2.47 1.42
CA MET A 175 2.47 -1.07 1.28
CA MET A 175 2.49 -1.09 1.24
C MET A 175 3.76 -1.02 0.44
C MET A 175 3.77 -1.15 0.39
N TYR A 176 3.63 -0.87 -0.88
CA TYR A 176 4.73 -0.87 -1.86
C TYR A 176 5.14 0.57 -2.17
N GLN A 177 6.43 0.72 -2.42
CA GLN A 177 7.05 1.91 -3.04
C GLN A 177 6.73 3.12 -2.17
N GLN A 178 6.89 2.99 -0.85
CA GLN A 178 6.43 3.97 0.15
C GLN A 178 7.50 5.03 0.40
N GLY A 179 8.76 4.62 0.63
CA GLY A 179 9.84 5.56 0.97
C GLY A 179 9.99 5.73 2.47
N PHE A 181 9.46 7.69 4.98
CA PHE A 181 8.55 8.09 6.04
C PHE A 181 7.70 6.90 6.53
N ALA A 182 7.73 5.76 5.84
CA ALA A 182 6.69 4.72 6.01
C ALA A 182 6.86 3.88 7.29
N GLY A 183 7.93 4.03 8.04
CA GLY A 183 7.98 3.45 9.39
C GLY A 183 6.94 4.11 10.29
N GLY A 184 6.72 5.41 10.09
CA GLY A 184 5.59 6.07 10.75
C GLY A 184 4.25 5.62 10.18
N THR A 185 4.13 5.51 8.87
CA THR A 185 2.87 5.12 8.21
C THR A 185 2.40 3.75 8.72
N VAL A 186 3.28 2.78 8.85
CA VAL A 186 2.81 1.41 9.26
C VAL A 186 2.31 1.45 10.71
N LEU A 187 2.89 2.29 11.57
CA LEU A 187 2.43 2.40 12.98
C LEU A 187 1.07 3.13 13.01
N ARG A 188 0.93 4.17 12.22
CA ARG A 188 -0.36 4.89 12.07
C ARG A 188 -1.47 3.93 11.58
N LEU A 189 -1.16 3.04 10.65
CA LEU A 189 -2.13 2.01 10.19
C LEU A 189 -2.39 1.00 11.33
N ALA A 190 -1.33 0.42 11.89
CA ALA A 190 -1.45 -0.66 12.91
C ALA A 190 -2.33 -0.17 14.06
N LYS A 191 -2.14 1.08 14.42
CA LYS A 191 -2.91 1.70 15.52
C LYS A 191 -4.42 1.53 15.25
N ASP A 192 -4.90 1.89 14.09
CA ASP A 192 -6.34 1.80 13.79
C ASP A 192 -6.76 0.33 13.69
N LEU A 193 -5.93 -0.54 13.13
CA LEU A 193 -6.30 -1.95 13.00
C LEU A 193 -6.50 -2.56 14.41
N ALA A 194 -5.55 -2.34 15.32
CA ALA A 194 -5.56 -2.93 16.67
C ALA A 194 -6.75 -2.38 17.47
N GLU A 195 -6.92 -1.05 17.46
CA GLU A 195 -7.94 -0.38 18.31
C GLU A 195 -9.39 -0.59 17.85
N ASN A 196 -9.63 -0.86 16.57
CA ASN A 196 -11.01 -1.01 16.08
C ASN A 196 -11.44 -2.47 16.11
N ASN A 197 -10.57 -3.41 16.44
CA ASN A 197 -10.84 -4.86 16.26
C ASN A 197 -10.49 -5.65 17.54
N LYS A 198 -11.51 -6.02 18.32
CA LYS A 198 -11.29 -6.79 19.57
C LYS A 198 -10.53 -8.07 19.22
N GLY A 199 -9.43 -8.31 19.90
CA GLY A 199 -8.62 -9.52 19.72
C GLY A 199 -7.52 -9.30 18.71
N ALA A 200 -7.58 -8.23 17.88
CA ALA A 200 -6.64 -8.13 16.73
C ALA A 200 -5.20 -8.08 17.24
N ARG A 201 -4.35 -8.83 16.56
CA ARG A 201 -2.89 -8.78 16.79
C ARG A 201 -2.26 -8.56 15.42
N VAL A 202 -1.61 -7.42 15.28
CA VAL A 202 -1.08 -6.94 14.00
C VAL A 202 0.41 -7.22 13.89
N LEU A 203 0.83 -8.00 12.91
CA LEU A 203 2.26 -8.13 12.60
C LEU A 203 2.60 -7.04 11.58
N VAL A 204 3.62 -6.28 11.88
CA VAL A 204 4.08 -5.17 11.02
C VAL A 204 5.49 -5.50 10.58
N VAL A 205 5.76 -5.53 9.28
CA VAL A 205 7.11 -5.82 8.72
C VAL A 205 7.50 -4.74 7.73
N CYS A 206 8.64 -4.10 7.98
CA CYS A 206 9.29 -3.21 7.00
C CYS A 206 10.57 -3.92 6.55
N SER A 207 10.74 -4.11 5.27
CA SER A 207 11.91 -4.82 4.73
C SER A 207 12.46 -4.05 3.55
N GLU A 208 13.72 -3.68 3.61
CA GLU A 208 14.33 -2.81 2.56
C GLU A 208 15.67 -3.42 2.10
N ILE A 209 15.84 -3.53 0.79
CA ILE A 209 17.06 -4.09 0.15
C ILE A 209 17.47 -3.11 -0.94
N THR A 210 18.69 -2.61 -0.89
CA THR A 210 19.19 -1.55 -1.79
C THR A 210 19.57 -2.05 -3.19
N ALA A 211 19.31 -3.31 -3.53
CA ALA A 211 19.62 -3.88 -4.85
C ALA A 211 18.79 -3.13 -5.91
N VAL A 212 17.67 -2.51 -5.51
CA VAL A 212 16.84 -1.73 -6.48
C VAL A 212 17.47 -0.36 -6.77
N THR A 213 18.24 0.26 -5.87
CA THR A 213 18.79 1.64 -6.04
C THR A 213 20.31 1.70 -6.26
N PHE A 214 21.01 0.65 -5.91
CA PHE A 214 22.48 0.60 -6.12
C PHE A 214 22.76 0.90 -7.59
N ARG A 215 23.73 1.77 -7.86
CA ARG A 215 24.14 2.03 -9.26
C ARG A 215 25.51 2.71 -9.24
N GLY A 216 26.18 2.69 -10.39
CA GLY A 216 27.50 3.33 -10.55
C GLY A 216 27.43 4.85 -10.39
N PRO A 217 28.61 5.47 -10.20
CA PRO A 217 28.73 6.91 -9.97
C PRO A 217 28.70 7.74 -11.26
N THR A 218 28.20 8.97 -11.16
CA THR A 218 28.28 9.98 -12.25
C THR A 218 28.44 11.36 -11.60
N ASP A 219 29.08 12.29 -12.31
CA ASP A 219 29.34 13.66 -11.83
C ASP A 219 28.20 14.60 -12.21
N THR A 220 27.20 14.13 -12.96
CA THR A 220 26.03 14.93 -13.40
C THR A 220 24.92 14.93 -12.34
N HIS A 221 24.78 13.84 -11.57
CA HIS A 221 23.67 13.70 -10.58
C HIS A 221 24.32 13.34 -9.23
N LEU A 222 24.86 14.35 -8.57
CA LEU A 222 25.61 14.12 -7.32
C LEU A 222 24.65 13.61 -6.23
N ASP A 223 23.35 13.91 -6.32
CA ASP A 223 22.32 13.44 -5.36
C ASP A 223 22.21 11.91 -5.40
N SER A 224 22.32 11.30 -6.58
CA SER A 224 22.43 9.83 -6.71
C SER A 224 23.60 9.30 -5.85
N LEU A 225 24.74 9.97 -5.88
CA LEU A 225 25.92 9.56 -5.08
C LEU A 225 25.63 9.62 -3.57
N VAL A 226 24.92 10.65 -3.11
CA VAL A 226 24.51 10.75 -1.68
C VAL A 226 23.75 9.47 -1.29
N GLY A 227 22.83 9.00 -2.14
CA GLY A 227 22.12 7.73 -1.89
C GLY A 227 23.09 6.59 -1.67
N GLN A 228 24.16 6.51 -2.47
CA GLN A 228 25.11 5.38 -2.46
C GLN A 228 25.89 5.46 -1.15
N ALA A 229 26.02 6.65 -0.55
CA ALA A 229 26.75 6.82 0.73
C ALA A 229 25.85 6.48 1.92
N LEU A 230 24.52 6.57 1.81
CA LEU A 230 23.65 6.53 3.04
C LEU A 230 22.84 5.24 3.13
N PHE A 231 22.32 4.73 2.02
CA PHE A 231 21.28 3.67 2.10
C PHE A 231 21.91 2.31 2.41
N GLY A 232 21.26 1.61 3.35
CA GLY A 232 21.58 0.24 3.78
C GLY A 232 20.36 -0.65 3.82
N ASP A 233 20.58 -1.91 4.15
CA ASP A 233 19.56 -2.97 4.10
C ASP A 233 19.16 -3.34 5.51
N GLY A 234 17.89 -3.70 5.67
CA GLY A 234 17.41 -4.19 6.97
C GLY A 234 15.93 -4.46 6.92
N ALA A 235 15.45 -5.21 7.88
CA ALA A 235 14.03 -5.51 8.09
C ALA A 235 13.74 -5.38 9.57
N ALA A 236 12.56 -4.89 9.91
CA ALA A 236 12.14 -4.79 11.31
C ALA A 236 10.68 -5.20 11.37
N ALA A 237 10.30 -5.83 12.48
CA ALA A 237 8.92 -6.32 12.69
C ALA A 237 8.45 -5.93 14.07
N VAL A 238 7.18 -5.60 14.20
CA VAL A 238 6.58 -5.31 15.53
C VAL A 238 5.26 -6.07 15.57
N ILE A 239 4.86 -6.41 16.77
CA ILE A 239 3.49 -6.89 17.06
C ILE A 239 2.76 -5.76 17.77
N VAL A 240 1.58 -5.44 17.28
CA VAL A 240 0.76 -4.33 17.84
C VAL A 240 -0.62 -4.89 18.17
N GLY A 241 -1.11 -4.60 19.37
CA GLY A 241 -2.47 -5.02 19.75
C GLY A 241 -2.98 -4.15 20.86
N SER A 242 -4.30 -4.09 20.98
CA SER A 242 -4.97 -3.45 22.13
C SER A 242 -5.32 -4.52 23.18
N ASP A 243 -5.53 -4.08 24.43
CA ASP A 243 -6.06 -4.93 25.53
C ASP A 243 -5.12 -6.12 25.72
N PRO A 244 -3.88 -5.86 26.16
CA PRO A 244 -2.90 -6.94 26.29
C PRO A 244 -3.34 -7.96 27.34
N LEU A 245 -3.06 -9.21 27.08
CA LEU A 245 -3.21 -10.33 28.05
C LEU A 245 -2.18 -10.13 29.13
N PRO A 246 -2.40 -10.71 30.33
CA PRO A 246 -1.38 -10.68 31.38
C PRO A 246 -0.06 -11.32 30.96
N VAL A 247 -0.06 -12.27 30.02
CA VAL A 247 1.18 -12.98 29.56
C VAL A 247 1.89 -12.19 28.44
N GLU A 248 1.26 -11.16 27.88
CA GLU A 248 1.93 -10.27 26.90
C GLU A 248 2.72 -9.21 27.66
N LYS A 249 3.73 -8.64 27.04
CA LYS A 249 4.66 -7.68 27.70
C LYS A 249 4.66 -6.39 26.89
N PRO A 250 3.85 -5.38 27.23
CA PRO A 250 3.92 -4.08 26.54
C PRO A 250 5.31 -3.44 26.53
N LEU A 251 5.65 -2.77 25.44
CA LEU A 251 6.90 -1.97 25.32
C LEU A 251 6.54 -0.49 25.16
N PHE A 252 5.57 -0.14 24.33
CA PHE A 252 5.17 1.26 24.04
C PHE A 252 3.69 1.30 23.73
N GLN A 253 3.03 2.42 24.01
CA GLN A 253 1.67 2.67 23.50
C GLN A 253 1.76 3.66 22.33
N LEU A 254 0.87 3.52 21.37
CA LEU A 254 0.75 4.45 20.23
C LEU A 254 -0.42 5.36 20.60
N VAL A 255 -0.17 6.66 20.70
CA VAL A 255 -1.15 7.61 21.31
C VAL A 255 -1.91 8.41 20.27
N TRP A 256 -1.21 8.95 19.27
CA TRP A 256 -1.75 9.96 18.34
C TRP A 256 -0.86 9.95 17.11
N THR A 257 -1.40 10.22 15.94
CA THR A 257 -0.62 10.18 14.69
C THR A 257 -1.00 11.34 13.82
N ALA A 258 -0.09 11.70 12.92
CA ALA A 258 -0.32 12.75 11.92
C ALA A 258 0.60 12.49 10.74
N GLN A 259 0.16 12.90 9.57
CA GLN A 259 0.96 12.89 8.34
C GLN A 259 0.77 14.27 7.74
N THR A 260 1.84 14.91 7.30
CA THR A 260 1.66 16.22 6.62
C THR A 260 2.64 16.33 5.44
N ILE A 261 2.29 17.20 4.48
CA ILE A 261 3.17 17.60 3.38
C ILE A 261 3.72 18.97 3.71
N LEU A 262 5.05 19.12 3.71
CA LEU A 262 5.64 20.42 4.11
C LEU A 262 5.41 21.45 3.00
N PRO A 263 5.14 22.71 3.37
CA PRO A 263 5.00 23.78 2.39
C PRO A 263 6.33 23.99 1.65
N ASP A 264 6.24 24.33 0.37
CA ASP A 264 7.37 24.79 -0.47
C ASP A 264 8.37 23.65 -0.63
N SER A 265 7.91 22.38 -0.61
CA SER A 265 8.81 21.19 -0.58
C SER A 265 8.67 20.38 -1.88
N GLU A 266 7.96 20.88 -2.89
CA GLU A 266 7.68 20.08 -4.12
C GLU A 266 8.99 19.58 -4.74
N GLY A 267 9.11 18.28 -4.98
CA GLY A 267 10.28 17.69 -5.65
C GLY A 267 11.50 17.60 -4.74
N ALA A 268 11.39 17.79 -3.43
CA ALA A 268 12.56 17.70 -2.52
C ALA A 268 13.15 16.28 -2.51
N ILE A 269 12.30 15.25 -2.49
CA ILE A 269 12.73 13.82 -2.50
C ILE A 269 11.82 13.08 -3.48
N ASP A 270 12.39 12.63 -4.58
CA ASP A 270 11.62 11.94 -5.64
C ASP A 270 12.34 10.62 -5.95
N GLY A 271 11.58 9.63 -6.35
CA GLY A 271 12.11 8.31 -6.74
C GLY A 271 11.23 7.75 -7.82
N HIS A 272 11.84 7.34 -8.93
CA HIS A 272 11.09 6.82 -10.09
C HIS A 272 11.54 5.38 -10.35
N LEU A 273 10.59 4.46 -10.54
CA LEU A 273 10.92 3.08 -10.91
C LEU A 273 10.94 2.98 -12.43
N ARG A 274 12.13 2.79 -12.98
CA ARG A 274 12.38 2.79 -14.43
C ARG A 274 13.08 1.50 -14.85
N GLU A 275 13.37 1.40 -16.14
CA GLU A 275 14.11 0.25 -16.69
C GLU A 275 15.50 0.17 -16.05
N VAL A 276 16.06 1.27 -15.58
CA VAL A 276 17.40 1.33 -14.91
C VAL A 276 17.29 1.05 -13.40
N GLY A 277 16.11 0.71 -12.91
CA GLY A 277 15.82 0.48 -11.48
C GLY A 277 15.22 1.71 -10.83
N LEU A 278 15.36 1.82 -9.52
CA LEU A 278 14.81 2.94 -8.72
C LEU A 278 15.82 4.07 -8.69
N THR A 279 15.45 5.19 -9.26
CA THR A 279 16.28 6.41 -9.33
C THR A 279 15.91 7.30 -8.13
N PHE A 280 16.86 8.09 -7.70
CA PHE A 280 16.81 8.86 -6.43
C PHE A 280 17.16 10.31 -6.77
N HIS A 281 16.25 11.24 -6.46
CA HIS A 281 16.41 12.70 -6.69
C HIS A 281 16.25 13.40 -5.33
N LEU A 282 17.25 14.21 -4.98
CA LEU A 282 17.37 14.71 -3.60
C LEU A 282 17.87 16.15 -3.62
N LEU A 283 17.02 17.09 -3.21
CA LEU A 283 17.42 18.53 -3.11
C LEU A 283 18.22 18.77 -1.80
N LYS A 284 19.20 19.66 -1.87
CA LYS A 284 19.99 20.08 -0.67
C LYS A 284 19.11 20.79 0.36
N ASP A 285 17.89 21.21 0.01
CA ASP A 285 16.99 21.94 0.93
C ASP A 285 16.36 21.00 1.97
N VAL A 286 16.54 19.68 1.93
CA VAL A 286 15.71 18.75 2.77
C VAL A 286 15.95 19.02 4.25
N PRO A 287 17.20 19.09 4.75
CA PRO A 287 17.40 19.37 6.17
C PRO A 287 16.78 20.69 6.62
N GLY A 288 16.91 21.74 5.81
CA GLY A 288 16.33 23.05 6.13
C GLY A 288 14.80 22.99 6.18
N LEU A 289 14.19 22.30 5.22
CA LEU A 289 12.69 22.16 5.14
C LEU A 289 12.19 21.44 6.37
N ILE A 290 12.87 20.38 6.77
CA ILE A 290 12.41 19.60 7.94
C ILE A 290 12.60 20.48 9.19
N SER A 291 13.76 21.11 9.36
CA SER A 291 14.04 21.84 10.62
C SER A 291 13.14 23.09 10.70
N LYS A 292 12.80 23.68 9.56
CA LYS A 292 11.91 24.85 9.47
C LYS A 292 10.50 24.49 9.99
N ASN A 293 10.06 23.27 9.78
CA ASN A 293 8.64 22.89 9.99
C ASN A 293 8.44 22.01 11.24
N ILE A 294 9.50 21.58 11.92
CA ILE A 294 9.42 20.48 12.93
C ILE A 294 8.73 21.01 14.20
N GLU A 295 8.92 22.29 14.55
CA GLU A 295 8.25 22.80 15.77
C GLU A 295 6.75 22.79 15.55
N LYS A 296 6.25 23.12 14.36
CA LYS A 296 4.79 23.11 14.10
C LYS A 296 4.26 21.67 14.29
N ALA A 297 4.99 20.65 13.84
CA ALA A 297 4.58 19.23 13.99
C ALA A 297 4.54 18.86 15.48
N LEU A 298 5.53 19.29 16.26
CA LEU A 298 5.58 19.02 17.71
C LEU A 298 4.45 19.72 18.44
N VAL A 299 4.13 20.95 18.06
CA VAL A 299 3.03 21.69 18.73
C VAL A 299 1.70 20.97 18.47
N GLU A 300 1.46 20.54 17.24
CA GLU A 300 0.21 19.80 16.89
C GLU A 300 0.10 18.55 17.78
N ALA A 301 1.21 17.83 17.93
CA ALA A 301 1.23 16.56 18.67
C ALA A 301 1.15 16.81 20.19
N PHE A 302 1.88 17.78 20.74
CA PHE A 302 2.16 17.82 22.21
C PHE A 302 1.38 18.92 22.96
N GLN A 303 0.96 20.00 22.29
CA GLN A 303 0.11 21.06 22.93
C GLN A 303 -1.10 20.41 23.59
N PRO A 304 -1.86 19.53 22.90
CA PRO A 304 -3.01 18.87 23.53
C PRO A 304 -2.68 18.02 24.76
N LEU A 305 -1.43 17.60 24.94
CA LEU A 305 -1.00 16.81 26.09
C LEU A 305 -0.44 17.72 27.20
N GLY A 306 -0.43 19.05 26.99
CA GLY A 306 0.24 19.99 27.91
C GLY A 306 1.76 19.85 27.92
N ILE A 307 2.39 19.39 26.83
CA ILE A 307 3.87 19.28 26.76
C ILE A 307 4.46 20.32 25.79
N SER A 308 5.38 21.16 26.26
CA SER A 308 6.08 22.17 25.40
C SER A 308 7.61 22.07 25.53
N ASP A 309 8.13 21.21 26.41
CA ASP A 309 9.58 20.97 26.58
C ASP A 309 10.00 19.73 25.78
N TYR A 310 10.67 19.93 24.66
CA TYR A 310 10.96 18.80 23.74
C TYR A 310 12.21 18.07 24.21
N ASN A 311 12.88 18.56 25.26
CA ASN A 311 13.98 17.81 25.91
C ASN A 311 13.42 16.87 26.98
N SER A 312 12.13 16.95 27.29
CA SER A 312 11.48 16.11 28.33
C SER A 312 10.82 14.85 27.73
N ILE A 313 10.88 14.69 26.41
CA ILE A 313 10.30 13.50 25.72
C ILE A 313 11.46 12.69 25.12
N PHE A 314 11.24 11.40 24.90
CA PHE A 314 12.20 10.59 24.12
C PHE A 314 11.95 10.77 22.62
N TRP A 315 13.02 10.64 21.85
CA TRP A 315 13.04 10.92 20.41
C TRP A 315 13.40 9.68 19.60
N ILE A 316 12.63 9.47 18.53
CA ILE A 316 13.02 8.55 17.43
C ILE A 316 12.84 9.34 16.14
N ALA A 317 13.89 9.66 15.43
CA ALA A 317 13.79 10.45 14.18
C ALA A 317 14.36 9.60 13.06
N HIS A 318 13.69 9.56 11.92
CA HIS A 318 14.27 8.85 10.77
C HIS A 318 15.59 9.50 10.43
N PRO A 319 16.71 8.76 10.44
CA PRO A 319 18.02 9.39 10.19
C PRO A 319 18.30 9.44 8.68
N GLY A 320 17.54 10.27 7.95
CA GLY A 320 17.62 10.41 6.49
C GLY A 320 19.05 10.74 6.06
N GLY A 321 19.71 11.59 6.82
CA GLY A 321 21.18 11.70 6.87
C GLY A 321 21.53 12.49 8.14
N PRO A 322 22.82 12.62 8.50
CA PRO A 322 23.19 13.34 9.71
C PRO A 322 22.83 14.83 9.63
N ALA A 323 22.77 15.45 8.43
CA ALA A 323 22.42 16.89 8.33
C ALA A 323 20.99 17.14 8.84
N ILE A 324 20.06 16.22 8.59
CA ILE A 324 18.68 16.37 9.10
C ILE A 324 18.72 16.40 10.63
N LEU A 325 19.41 15.45 11.24
CA LEU A 325 19.48 15.32 12.72
C LEU A 325 20.15 16.56 13.32
N ASP A 326 21.26 16.99 12.72
CA ASP A 326 22.05 18.13 13.21
C ASP A 326 21.18 19.39 13.17
N GLN A 327 20.44 19.57 12.08
CA GLN A 327 19.68 20.82 11.90
C GLN A 327 18.42 20.82 12.75
N VAL A 328 17.80 19.68 12.96
CA VAL A 328 16.66 19.61 13.92
C VAL A 328 17.16 19.91 15.34
N GLU A 329 18.25 19.29 15.73
CA GLU A 329 18.85 19.44 17.08
C GLU A 329 19.18 20.93 17.30
N ALA A 330 19.86 21.57 16.36
CA ALA A 330 20.23 23.00 16.43
C ALA A 330 18.98 23.90 16.48
N LYS A 331 18.00 23.68 15.60
CA LYS A 331 16.78 24.50 15.56
C LYS A 331 16.04 24.45 16.92
N LEU A 332 15.80 23.27 17.48
CA LEU A 332 14.97 23.14 18.71
C LEU A 332 15.80 23.32 19.98
N GLY A 333 17.14 23.18 19.88
CA GLY A 333 18.03 23.11 21.04
C GLY A 333 17.84 21.82 21.80
N LEU A 334 17.79 20.70 21.08
CA LEU A 334 17.78 19.40 21.76
C LEU A 334 19.15 19.22 22.38
N LYS A 335 19.19 18.66 23.58
CA LYS A 335 20.48 18.26 24.17
C LYS A 335 21.03 17.11 23.34
N PRO A 336 22.35 16.87 23.35
CA PRO A 336 22.93 15.82 22.50
C PRO A 336 22.44 14.40 22.80
N GLU A 337 22.00 14.13 24.03
CA GLU A 337 21.44 12.81 24.46
C GLU A 337 20.20 12.46 23.65
N LYS A 338 19.43 13.44 23.17
CA LYS A 338 18.08 13.18 22.63
C LYS A 338 18.20 12.30 21.37
N MET A 339 19.19 12.59 20.54
CA MET A 339 19.37 11.88 19.23
C MET A 339 20.28 10.66 19.40
N GLU A 340 20.64 10.22 20.63
CA GLU A 340 21.64 9.13 20.81
C GLU A 340 21.17 7.83 20.14
N ALA A 341 19.95 7.36 20.44
CA ALA A 341 19.48 6.09 19.89
C ALA A 341 19.46 6.17 18.34
N THR A 342 18.95 7.30 17.84
CA THR A 342 18.80 7.59 16.38
C THR A 342 20.19 7.52 15.74
N ARG A 343 21.15 8.20 16.35
CA ARG A 343 22.52 8.26 15.79
C ARG A 343 23.20 6.90 15.87
N HIS A 344 22.88 6.11 16.89
CA HIS A 344 23.43 4.76 17.09
C HIS A 344 23.02 3.86 15.89
N VAL A 345 21.74 3.87 15.53
CA VAL A 345 21.23 3.11 14.36
C VAL A 345 21.85 3.64 13.08
N LEU A 346 21.91 4.96 12.89
CA LEU A 346 22.59 5.50 11.68
C LEU A 346 24.04 5.00 11.62
N SER A 347 24.75 5.04 12.73
CA SER A 347 26.16 4.56 12.83
C SER A 347 26.29 3.07 12.44
N GLU A 348 25.46 2.19 13.00
CA GLU A 348 25.64 0.73 12.90
C GLU A 348 24.97 0.16 11.65
N TYR A 349 24.03 0.86 11.03
CA TYR A 349 23.20 0.28 9.94
C TYR A 349 23.02 1.19 8.71
N GLY A 350 23.26 2.50 8.80
CA GLY A 350 22.92 3.47 7.78
C GLY A 350 21.42 3.69 7.72
N ASN A 351 20.98 4.30 6.65
CA ASN A 351 19.56 4.67 6.39
C ASN A 351 18.89 3.45 5.72
N MET A 352 18.10 2.70 6.48
CA MET A 352 17.36 1.50 5.99
C MET A 352 15.92 1.87 5.63
N SER A 353 15.72 3.09 5.10
CA SER A 353 14.41 3.61 4.65
C SER A 353 13.35 3.32 5.72
N SER A 354 12.23 2.73 5.37
CA SER A 354 11.08 2.54 6.30
C SER A 354 11.46 1.78 7.59
N ALA A 355 12.46 0.88 7.58
CA ALA A 355 12.75 0.01 8.75
C ALA A 355 13.44 0.81 9.86
N CYS A 356 14.07 1.92 9.53
CA CYS A 356 15.03 2.59 10.43
C CYS A 356 14.40 2.97 11.78
N VAL A 357 13.22 3.61 11.79
CA VAL A 357 12.64 4.08 13.08
C VAL A 357 12.28 2.86 13.93
N LEU A 358 12.00 1.69 13.34
CA LEU A 358 11.70 0.48 14.14
C LEU A 358 13.00 -0.08 14.79
N PHE A 359 14.11 -0.01 14.09
CA PHE A 359 15.42 -0.36 14.69
C PHE A 359 15.69 0.59 15.86
N ILE A 360 15.34 1.86 15.71
CA ILE A 360 15.66 2.89 16.72
C ILE A 360 14.78 2.63 17.95
N LEU A 361 13.52 2.30 17.74
CA LEU A 361 12.61 1.95 18.88
C LEU A 361 13.23 0.76 19.62
N ASP A 362 13.75 -0.22 18.89
CA ASP A 362 14.37 -1.41 19.54
C ASP A 362 15.62 -0.98 20.31
N GLN A 363 16.47 -0.16 19.69
CA GLN A 363 17.70 0.33 20.32
C GLN A 363 17.39 1.10 21.60
N MET A 364 16.36 1.95 21.60
CA MET A 364 16.01 2.73 22.80
C MET A 364 15.56 1.80 23.94
N ARG A 365 14.69 0.82 23.66
CA ARG A 365 14.27 -0.22 24.66
C ARG A 365 15.55 -0.91 25.18
N LYS A 366 16.47 -1.29 24.29
CA LYS A 366 17.66 -2.11 24.64
C LYS A 366 18.58 -1.31 25.57
N LYS A 367 18.78 -0.04 25.27
CA LYS A 367 19.73 0.82 26.03
C LYS A 367 19.08 1.16 27.38
N SER A 368 17.76 1.37 27.39
CA SER A 368 16.98 1.60 28.63
C SER A 368 17.18 0.40 29.57
N ILE A 369 17.07 -0.81 29.07
CA ILE A 369 17.27 -2.03 29.90
C ILE A 369 18.74 -2.05 30.38
N GLU A 370 19.69 -1.86 29.48
CA GLU A 370 21.14 -2.05 29.78
C GLU A 370 21.55 -1.08 30.89
N ASN A 371 21.00 0.13 30.88
CA ASN A 371 21.43 1.20 31.81
C ASN A 371 20.49 1.29 32.99
N GLY A 372 19.57 0.33 33.15
CA GLY A 372 18.70 0.27 34.32
C GLY A 372 17.82 1.51 34.45
N LEU A 373 17.29 2.05 33.34
CA LEU A 373 16.44 3.27 33.38
C LEU A 373 15.00 2.87 33.73
N GLY A 374 14.17 3.80 34.12
CA GLY A 374 12.90 3.40 34.75
C GLY A 374 11.81 3.02 33.73
N THR A 375 12.06 3.29 32.44
CA THR A 375 11.04 3.06 31.37
C THR A 375 11.75 2.68 30.08
N THR A 376 10.99 2.16 29.12
CA THR A 376 11.51 1.74 27.79
C THR A 376 11.90 2.96 26.96
N GLY A 377 11.47 4.15 27.40
CA GLY A 377 11.73 5.45 26.75
C GLY A 377 12.83 6.20 27.50
N GLU A 378 13.94 5.53 27.82
CA GLU A 378 15.10 6.21 28.48
C GLU A 378 14.69 6.83 29.82
N GLY A 379 13.72 6.24 30.52
CA GLY A 379 13.23 6.75 31.82
C GLY A 379 12.19 7.87 31.67
N LEU A 380 11.86 8.33 30.46
CA LEU A 380 10.83 9.37 30.25
C LEU A 380 9.48 8.72 29.91
N ASP A 381 8.40 9.49 30.01
CA ASP A 381 7.02 8.97 29.85
C ASP A 381 6.54 9.09 28.40
N TRP A 382 6.75 10.26 27.80
CA TRP A 382 6.19 10.56 26.47
C TRP A 382 7.32 10.62 25.46
N GLY A 383 7.04 10.27 24.20
CA GLY A 383 8.05 10.25 23.16
C GLY A 383 7.43 10.60 21.82
N VAL A 384 8.29 10.89 20.87
CA VAL A 384 7.85 11.17 19.49
C VAL A 384 8.67 10.34 18.53
N LEU A 385 7.99 9.87 17.49
CA LEU A 385 8.66 9.16 16.38
C LEU A 385 8.32 9.94 15.11
N PHE A 386 9.34 10.28 14.35
CA PHE A 386 9.19 10.99 13.06
C PHE A 386 9.71 10.14 11.91
N GLY A 387 8.93 10.09 10.84
CA GLY A 387 9.42 9.62 9.53
C GLY A 387 9.44 10.79 8.58
N PHE A 388 10.43 10.82 7.72
CA PHE A 388 10.62 11.90 6.72
C PHE A 388 10.82 11.22 5.36
N GLY A 389 10.17 11.73 4.32
CA GLY A 389 10.33 11.12 3.01
C GLY A 389 9.69 11.93 1.89
N PRO A 390 9.51 11.30 0.71
CA PRO A 390 8.92 11.93 -0.49
C PRO A 390 7.64 12.69 -0.18
N GLY A 391 7.57 13.94 -0.68
CA GLY A 391 6.40 14.81 -0.45
C GLY A 391 6.74 16.30 -0.53
N LEU A 392 7.51 16.83 0.44
CA LEU A 392 8.19 16.14 1.53
C LEU A 392 7.16 15.80 2.63
N THR A 393 7.03 14.51 2.92
CA THR A 393 6.07 13.98 3.91
C THR A 393 6.78 13.85 5.26
N VAL A 394 6.09 14.33 6.30
CA VAL A 394 6.47 14.07 7.72
C VAL A 394 5.35 13.24 8.38
N GLU A 395 5.71 12.10 8.92
CA GLU A 395 4.86 11.25 9.78
C GLU A 395 5.26 11.53 11.23
N THR A 396 4.27 11.76 12.07
CA THR A 396 4.44 11.96 13.52
C THR A 396 3.66 10.88 14.24
N VAL A 397 4.32 10.20 15.16
CA VAL A 397 3.65 9.24 16.07
C VAL A 397 4.02 9.67 17.49
N VAL A 398 3.03 9.97 18.32
CA VAL A 398 3.24 10.13 19.78
C VAL A 398 3.20 8.76 20.46
N LEU A 399 4.18 8.50 21.32
CA LEU A 399 4.42 7.24 22.02
C LEU A 399 4.36 7.51 23.53
N ARG A 400 3.90 6.53 24.26
CA ARG A 400 4.05 6.42 25.72
C ARG A 400 4.95 5.22 26.01
N SER A 401 5.95 5.42 26.85
CA SER A 401 6.81 4.32 27.35
C SER A 401 6.03 3.42 28.34
N VAL A 402 6.64 2.31 28.71
CA VAL A 402 6.14 1.37 29.74
C VAL A 402 7.20 1.32 30.86
N THR A 403 6.78 1.14 32.11
CA THR A 403 7.76 1.06 33.23
C THR A 403 8.52 -0.28 33.17
N LEU A 404 9.83 -0.22 33.47
CA LEU A 404 10.67 -1.43 33.60
C LEU A 404 10.60 -1.91 35.06
N HIS B 16 -4.34 18.96 35.89
CA HIS B 16 -4.91 17.65 35.37
C HIS B 16 -4.01 17.08 34.28
N MET B 17 -3.53 15.86 34.47
CA MET B 17 -2.57 15.21 33.55
C MET B 17 -3.39 14.33 32.61
N VAL B 18 -3.43 14.62 31.30
CA VAL B 18 -4.18 13.77 30.31
C VAL B 18 -3.52 12.39 30.27
N SER B 19 -4.33 11.34 30.32
CA SER B 19 -3.91 9.91 30.20
C SER B 19 -4.19 9.39 28.77
N VAL B 20 -3.49 8.35 28.36
CA VAL B 20 -3.70 7.75 27.01
C VAL B 20 -5.13 7.21 26.93
N GLU B 21 -5.64 6.63 28.01
CA GLU B 21 -7.02 6.07 28.07
C GLU B 21 -8.05 7.18 27.86
N GLU B 22 -7.83 8.38 28.39
CA GLU B 22 -8.79 9.50 28.21
C GLU B 22 -8.71 9.99 26.74
N ILE B 23 -7.51 10.04 26.18
CA ILE B 23 -7.34 10.47 24.74
C ILE B 23 -8.10 9.46 23.86
N ARG B 24 -7.92 8.17 24.14
CA ARG B 24 -8.50 7.08 23.31
C ARG B 24 -10.02 7.20 23.34
N LYS B 25 -10.58 7.37 24.52
CA LYS B 25 -12.05 7.53 24.68
C LYS B 25 -12.58 8.73 23.89
N ALA B 26 -11.88 9.86 23.85
CA ALA B 26 -12.34 11.09 23.16
C ALA B 26 -12.10 10.99 21.65
N GLN B 27 -11.17 10.13 21.22
CA GLN B 27 -10.63 10.10 19.83
C GLN B 27 -11.52 9.24 18.94
N ARG B 28 -12.24 8.27 19.49
CA ARG B 28 -12.84 7.18 18.64
C ARG B 28 -14.22 7.62 18.17
N ALA B 29 -14.68 7.10 17.03
CA ALA B 29 -16.04 7.32 16.51
C ALA B 29 -17.01 6.35 17.19
N GLU B 30 -18.32 6.54 17.00
CA GLU B 30 -19.33 5.67 17.68
C GLU B 30 -19.91 4.61 16.76
N GLY B 31 -20.34 4.99 15.57
CA GLY B 31 -21.18 4.11 14.74
C GLY B 31 -20.40 3.43 13.61
N PRO B 32 -21.11 2.64 12.81
CA PRO B 32 -20.53 1.89 11.70
C PRO B 32 -20.11 2.80 10.57
N ALA B 33 -19.03 2.42 9.92
CA ALA B 33 -18.55 3.06 8.69
C ALA B 33 -19.65 3.01 7.63
N THR B 34 -19.90 4.16 7.04
CA THR B 34 -21.04 4.41 6.13
C THR B 34 -20.46 4.97 4.83
N VAL B 35 -20.82 4.37 3.70
CA VAL B 35 -20.59 4.94 2.36
C VAL B 35 -21.57 6.10 2.17
N MET B 36 -21.06 7.29 1.89
CA MET B 36 -21.88 8.52 1.80
C MET B 36 -21.88 9.09 0.37
N ALA B 37 -21.07 8.58 -0.56
CA ALA B 37 -21.01 9.06 -1.97
C ALA B 37 -20.26 8.04 -2.81
N ILE B 38 -20.58 7.94 -4.09
CA ILE B 38 -19.80 7.11 -5.05
C ILE B 38 -19.71 7.91 -6.32
N GLY B 39 -18.53 8.08 -6.89
CA GLY B 39 -18.36 8.72 -8.19
C GLY B 39 -17.50 7.86 -9.09
N THR B 40 -17.68 7.92 -10.40
CA THR B 40 -16.94 7.05 -11.33
C THR B 40 -16.50 7.86 -12.53
N ALA B 41 -15.44 7.44 -13.19
CA ALA B 41 -14.89 8.13 -14.37
C ALA B 41 -14.22 7.11 -15.27
N THR B 42 -14.24 7.34 -16.59
CA THR B 42 -13.52 6.45 -17.54
C THR B 42 -12.82 7.35 -18.53
N PRO B 43 -11.73 6.87 -19.16
CA PRO B 43 -11.14 7.59 -20.27
C PRO B 43 -12.16 7.73 -21.41
N PRO B 44 -11.99 8.74 -22.26
CA PRO B 44 -12.99 9.02 -23.31
C PRO B 44 -13.02 8.03 -24.49
N ASN B 45 -11.93 7.32 -24.76
CA ASN B 45 -11.85 6.40 -25.95
C ASN B 45 -12.68 5.14 -25.70
N CYS B 46 -13.85 5.02 -26.32
CA CYS B 46 -14.76 3.87 -26.17
C CYS B 46 -14.38 2.80 -27.19
N VAL B 47 -14.12 1.58 -26.75
CA VAL B 47 -13.59 0.49 -27.62
C VAL B 47 -14.64 -0.61 -27.74
N ASP B 48 -15.23 -0.74 -28.92
CA ASP B 48 -16.31 -1.71 -29.19
C ASP B 48 -15.72 -3.13 -29.14
N GLN B 49 -16.26 -4.04 -28.32
CA GLN B 49 -15.72 -5.42 -28.22
C GLN B 49 -15.95 -6.17 -29.55
N SER B 50 -17.00 -5.89 -30.29
CA SER B 50 -17.33 -6.69 -31.52
C SER B 50 -16.28 -6.47 -32.64
N THR B 51 -15.55 -5.35 -32.62
CA THR B 51 -14.52 -4.99 -33.62
C THR B 51 -13.10 -5.08 -33.03
N TYR B 52 -12.97 -5.50 -31.77
CA TYR B 52 -11.67 -5.36 -31.09
C TYR B 52 -10.64 -6.32 -31.69
N PRO B 53 -10.97 -7.59 -32.01
CA PRO B 53 -9.99 -8.49 -32.61
C PRO B 53 -9.35 -7.89 -33.88
N ASP B 54 -10.12 -7.24 -34.75
CA ASP B 54 -9.54 -6.64 -35.98
C ASP B 54 -8.65 -5.44 -35.62
N TYR B 55 -9.12 -4.56 -34.73
CA TYR B 55 -8.31 -3.42 -34.22
C TYR B 55 -7.00 -3.96 -33.62
N TYR B 56 -7.10 -4.90 -32.67
CA TYR B 56 -5.96 -5.36 -31.84
C TYR B 56 -4.90 -6.03 -32.72
N PHE B 57 -5.34 -6.93 -33.62
CA PHE B 57 -4.39 -7.66 -34.49
C PHE B 57 -3.73 -6.68 -35.47
N ARG B 58 -4.46 -5.65 -35.89
CA ARG B 58 -3.89 -4.64 -36.83
C ARG B 58 -2.85 -3.80 -36.12
N ILE B 59 -3.18 -3.23 -34.97
CA ILE B 59 -2.33 -2.19 -34.34
C ILE B 59 -1.04 -2.82 -33.79
N THR B 60 -1.05 -4.12 -33.51
CA THR B 60 0.12 -4.89 -33.03
C THR B 60 0.81 -5.60 -34.20
N ASN B 61 0.48 -5.26 -35.45
CA ASN B 61 1.12 -5.80 -36.68
C ASN B 61 1.10 -7.34 -36.62
N SER B 62 -0.05 -7.96 -36.40
CA SER B 62 -0.16 -9.42 -36.11
C SER B 62 -1.21 -10.08 -37.00
N GLU B 63 -1.52 -9.48 -38.15
CA GLU B 63 -2.66 -9.92 -39.01
C GLU B 63 -2.33 -11.30 -39.64
N HIS B 64 -1.05 -11.65 -39.77
CA HIS B 64 -0.57 -12.96 -40.29
C HIS B 64 -0.97 -14.08 -39.33
N MET B 65 -1.10 -13.81 -38.03
CA MET B 65 -1.44 -14.83 -37.01
C MET B 65 -2.95 -15.17 -37.09
N THR B 66 -3.41 -15.72 -38.22
CA THR B 66 -4.87 -15.90 -38.52
C THR B 66 -5.52 -16.88 -37.53
N GLU B 67 -4.81 -17.94 -37.11
CA GLU B 67 -5.34 -18.94 -36.16
C GLU B 67 -5.48 -18.31 -34.77
N LEU B 68 -4.50 -17.49 -34.38
CA LEU B 68 -4.48 -16.84 -33.05
C LEU B 68 -5.61 -15.79 -33.01
N LYS B 69 -5.85 -15.10 -34.11
CA LYS B 69 -6.93 -14.08 -34.20
C LYS B 69 -8.31 -14.75 -34.03
N GLU B 70 -8.52 -15.95 -34.58
CA GLU B 70 -9.80 -16.69 -34.42
C GLU B 70 -10.03 -17.07 -32.95
N LYS B 71 -8.97 -17.53 -32.28
CA LYS B 71 -8.94 -17.82 -30.82
C LYS B 71 -9.33 -16.56 -30.03
N PHE B 72 -8.72 -15.43 -30.35
CA PHE B 72 -9.01 -14.12 -29.70
C PHE B 72 -10.43 -13.65 -30.00
N LYS B 73 -10.95 -13.85 -31.22
CA LYS B 73 -12.39 -13.56 -31.51
C LYS B 73 -13.28 -14.39 -30.59
N ARG B 74 -12.95 -15.68 -30.38
CA ARG B 74 -13.74 -16.60 -29.53
C ARG B 74 -13.69 -16.09 -28.08
N MET B 75 -12.51 -15.70 -27.59
CA MET B 75 -12.39 -15.04 -26.25
C MET B 75 -13.27 -13.77 -26.17
N CYS B 76 -13.16 -12.85 -27.13
CA CYS B 76 -13.92 -11.57 -27.11
C CYS B 76 -15.42 -11.86 -27.18
N ASP B 77 -15.85 -12.82 -28.03
CA ASP B 77 -17.29 -13.15 -28.18
C ASP B 77 -17.82 -13.76 -26.89
N LYS B 78 -17.02 -14.54 -26.16
CA LYS B 78 -17.49 -15.21 -24.92
C LYS B 78 -17.36 -14.26 -23.71
N SER B 79 -16.67 -13.13 -23.84
CA SER B 79 -16.29 -12.26 -22.68
C SER B 79 -17.53 -11.62 -22.04
N MET B 80 -18.64 -11.54 -22.77
CA MET B 80 -19.87 -10.86 -22.32
C MET B 80 -19.55 -9.40 -22.01
N ILE B 81 -18.52 -8.86 -22.67
CA ILE B 81 -18.21 -7.42 -22.67
C ILE B 81 -18.68 -6.82 -24.00
N LYS B 82 -19.39 -5.70 -23.93
CA LYS B 82 -19.86 -4.96 -25.11
C LYS B 82 -18.84 -3.89 -25.45
N LYS B 83 -18.29 -3.19 -24.45
CA LYS B 83 -17.32 -2.12 -24.71
C LYS B 83 -16.47 -1.88 -23.45
N ARG B 84 -15.33 -1.26 -23.68
CA ARG B 84 -14.36 -0.87 -22.63
C ARG B 84 -13.87 0.52 -22.99
N TYR B 85 -13.37 1.25 -22.02
CA TYR B 85 -12.80 2.58 -22.18
C TYR B 85 -11.31 2.44 -21.93
N MET B 86 -10.53 3.07 -22.77
CA MET B 86 -9.07 2.88 -22.80
C MET B 86 -8.41 4.22 -23.00
N TYR B 87 -7.49 4.56 -22.09
CA TYR B 87 -6.56 5.68 -22.26
C TYR B 87 -5.82 5.49 -23.59
N LEU B 88 -5.38 4.28 -23.87
CA LEU B 88 -4.58 4.00 -25.09
C LEU B 88 -5.52 4.17 -26.28
N ASN B 89 -5.04 4.80 -27.34
CA ASN B 89 -5.79 4.86 -28.62
C ASN B 89 -4.79 4.70 -29.74
N GLU B 90 -5.27 4.68 -30.97
CA GLU B 90 -4.41 4.37 -32.12
C GLU B 90 -3.25 5.37 -32.16
N GLU B 91 -3.51 6.63 -31.85
CA GLU B 91 -2.51 7.71 -32.03
C GLU B 91 -1.35 7.46 -31.03
N ILE B 92 -1.69 7.13 -29.79
CA ILE B 92 -0.67 6.90 -28.72
C ILE B 92 0.12 5.65 -29.07
N LEU B 93 -0.55 4.60 -29.56
CA LEU B 93 0.11 3.31 -29.89
C LEU B 93 1.07 3.48 -31.07
N LYS B 94 0.71 4.27 -32.09
CA LYS B 94 1.63 4.57 -33.23
C LYS B 94 2.84 5.37 -32.74
N GLU B 95 2.66 6.27 -31.77
CA GLU B 95 3.76 7.04 -31.14
C GLU B 95 4.63 6.16 -30.23
N ASN B 96 4.21 4.92 -29.91
CA ASN B 96 4.89 4.06 -28.89
C ASN B 96 4.90 2.62 -29.38
N PRO B 97 5.58 2.32 -30.51
CA PRO B 97 5.66 0.96 -31.04
C PRO B 97 6.13 -0.10 -30.04
N SER B 98 6.96 0.29 -29.06
CA SER B 98 7.47 -0.66 -28.02
C SER B 98 6.29 -1.27 -27.26
N VAL B 99 5.21 -0.52 -27.08
CA VAL B 99 4.01 -1.02 -26.34
C VAL B 99 3.23 -2.06 -27.19
N CYS B 100 3.35 -1.98 -28.51
CA CYS B 100 2.61 -2.86 -29.46
C CYS B 100 3.32 -4.18 -29.67
N ALA B 101 4.63 -4.27 -29.40
CA ALA B 101 5.34 -5.58 -29.40
C ALA B 101 4.81 -6.45 -28.26
N TYR B 102 5.03 -7.78 -28.34
CA TYR B 102 4.70 -8.71 -27.23
C TYR B 102 5.68 -8.39 -26.08
N MET B 103 6.97 -8.26 -26.38
CA MET B 103 7.97 -8.11 -25.32
C MET B 103 9.16 -7.32 -25.86
N ALA B 104 8.94 -6.04 -26.16
CA ALA B 104 9.99 -5.02 -26.34
C ALA B 104 10.08 -4.23 -25.05
N PRO B 105 11.27 -3.66 -24.73
CA PRO B 105 11.42 -2.78 -23.59
C PRO B 105 10.48 -1.58 -23.74
N SER B 106 9.62 -1.41 -22.75
CA SER B 106 8.52 -0.43 -22.83
C SER B 106 8.11 0.12 -21.45
N LEU B 107 8.70 -0.33 -20.33
CA LEU B 107 8.21 0.12 -19.01
C LEU B 107 8.28 1.64 -18.91
N ASP B 108 9.35 2.28 -19.40
CA ASP B 108 9.53 3.73 -19.19
C ASP B 108 8.43 4.49 -19.93
N ALA B 109 8.08 4.06 -21.13
CA ALA B 109 6.98 4.71 -21.92
C ALA B 109 5.64 4.49 -21.19
N ARG B 110 5.43 3.31 -20.65
CA ARG B 110 4.17 2.98 -19.92
C ARG B 110 4.09 3.75 -18.58
N GLN B 111 5.18 3.79 -17.82
CA GLN B 111 5.24 4.65 -16.60
C GLN B 111 4.92 6.10 -16.93
N ASP B 112 5.55 6.64 -17.97
CA ASP B 112 5.35 8.06 -18.32
C ASP B 112 3.85 8.31 -18.54
N MET B 113 3.12 7.35 -19.08
CA MET B 113 1.66 7.48 -19.28
C MET B 113 0.96 7.39 -17.92
N VAL B 114 1.17 6.32 -17.16
CA VAL B 114 0.22 6.03 -16.05
C VAL B 114 0.56 6.85 -14.81
N VAL B 115 1.81 7.30 -14.64
CA VAL B 115 2.15 8.15 -13.45
C VAL B 115 1.36 9.48 -13.50
N VAL B 116 1.00 9.92 -14.70
CA VAL B 116 0.13 11.13 -14.89
C VAL B 116 -1.34 10.76 -14.96
N GLU B 117 -1.71 9.75 -15.74
CA GLU B 117 -3.12 9.49 -16.09
C GLU B 117 -3.85 8.86 -14.89
N VAL B 118 -3.18 8.05 -14.08
CA VAL B 118 -3.89 7.36 -12.98
C VAL B 118 -4.43 8.40 -12.00
N PRO B 119 -3.63 9.35 -11.46
CA PRO B 119 -4.17 10.36 -10.56
C PRO B 119 -5.16 11.29 -11.27
N LYS B 120 -4.98 11.53 -12.55
CA LYS B 120 -5.90 12.45 -13.27
C LYS B 120 -7.29 11.79 -13.37
N LEU B 121 -7.38 10.53 -13.73
CA LEU B 121 -8.67 9.83 -13.82
C LEU B 121 -9.24 9.71 -12.41
N GLY B 122 -8.39 9.47 -11.41
CA GLY B 122 -8.82 9.43 -9.99
C GLY B 122 -9.47 10.74 -9.58
N LYS B 123 -8.89 11.85 -10.00
CA LYS B 123 -9.42 13.19 -9.65
C LYS B 123 -10.84 13.29 -10.20
N GLU B 124 -11.10 12.89 -11.45
N GLU B 124 -11.07 12.84 -11.44
CA GLU B 124 -12.45 13.03 -12.04
CA GLU B 124 -12.36 12.96 -12.16
C GLU B 124 -13.43 12.27 -11.14
C GLU B 124 -13.43 12.20 -11.33
N ALA B 125 -13.10 11.04 -10.77
CA ALA B 125 -14.01 10.21 -9.95
C ALA B 125 -14.21 10.87 -8.59
N ALA B 126 -13.14 11.35 -8.00
CA ALA B 126 -13.13 11.91 -6.65
C ALA B 126 -13.98 13.19 -6.62
N THR B 127 -13.83 14.02 -7.62
CA THR B 127 -14.60 15.30 -7.76
C THR B 127 -16.09 14.96 -7.71
N LYS B 128 -16.50 13.90 -8.40
CA LYS B 128 -17.92 13.47 -8.48
C LYS B 128 -18.41 12.94 -7.12
N ALA B 129 -17.60 12.13 -6.43
CA ALA B 129 -17.89 11.64 -5.06
C ALA B 129 -18.05 12.85 -4.13
N ILE B 130 -17.16 13.82 -4.24
CA ILE B 130 -17.19 14.97 -3.30
C ILE B 130 -18.47 15.76 -3.59
N LYS B 131 -18.82 15.93 -4.85
CA LYS B 131 -20.04 16.68 -5.26
C LYS B 131 -21.28 16.01 -4.64
N GLU B 132 -21.37 14.68 -4.73
CA GLU B 132 -22.53 13.91 -4.19
C GLU B 132 -22.55 14.11 -2.69
N TRP B 133 -21.41 13.97 -2.02
CA TRP B 133 -21.27 14.08 -0.54
C TRP B 133 -21.80 15.43 -0.04
N GLY B 134 -21.51 16.53 -0.77
CA GLY B 134 -22.07 17.87 -0.55
C GLY B 134 -21.44 18.61 0.60
N GLN B 135 -20.31 18.12 1.10
CA GLN B 135 -19.51 18.71 2.19
C GLN B 135 -18.23 19.31 1.62
N PRO B 136 -17.62 20.22 2.39
CA PRO B 136 -16.35 20.83 2.02
C PRO B 136 -15.24 19.79 1.99
N LYS B 137 -14.43 19.83 0.94
CA LYS B 137 -13.30 18.88 0.80
C LYS B 137 -12.27 19.11 1.91
N SER B 138 -12.31 20.22 2.63
CA SER B 138 -11.44 20.48 3.81
C SER B 138 -11.77 19.47 4.94
N LYS B 139 -12.96 18.85 4.91
CA LYS B 139 -13.37 17.89 5.97
C LYS B 139 -12.85 16.50 5.67
N ILE B 140 -12.24 16.28 4.53
CA ILE B 140 -11.57 14.97 4.25
C ILE B 140 -10.33 14.83 5.14
N THR B 141 -10.26 13.76 5.94
CA THR B 141 -9.15 13.56 6.90
C THR B 141 -8.19 12.47 6.41
N HIS B 142 -8.68 11.55 5.61
CA HIS B 142 -7.95 10.32 5.22
C HIS B 142 -8.17 10.13 3.73
N LEU B 143 -7.13 9.71 3.03
CA LEU B 143 -7.23 9.37 1.60
C LEU B 143 -6.61 8.00 1.38
N ILE B 144 -7.37 7.09 0.76
CA ILE B 144 -6.81 5.79 0.31
C ILE B 144 -6.78 5.89 -1.21
N PHE B 145 -5.63 5.70 -1.81
CA PHE B 145 -5.49 5.64 -3.28
C PHE B 145 -5.02 4.24 -3.63
N CYS B 146 -5.72 3.59 -4.55
CA CYS B 146 -5.43 2.20 -4.92
C CYS B 146 -5.24 2.12 -6.44
N THR B 147 -4.16 1.46 -6.90
CA THR B 147 -3.97 1.24 -8.34
C THR B 147 -3.12 -0.03 -8.54
N THR B 148 -3.27 -0.65 -9.67
CA THR B 148 -2.40 -1.75 -10.15
C THR B 148 -1.57 -1.24 -11.33
N SER B 149 -1.64 0.08 -11.63
CA SER B 149 -1.12 0.68 -12.89
C SER B 149 -0.03 1.68 -12.57
N GLY B 150 1.20 1.20 -12.46
CA GLY B 150 2.38 2.08 -12.29
C GLY B 150 2.70 2.32 -10.82
N VAL B 151 3.90 2.81 -10.55
CA VAL B 151 4.29 3.24 -9.19
C VAL B 151 5.20 4.45 -9.34
N ASP B 152 5.27 5.27 -8.29
CA ASP B 152 6.08 6.50 -8.28
C ASP B 152 6.24 6.99 -6.83
N PRO B 154 7.03 10.84 -4.87
CA PRO B 154 5.82 10.48 -4.11
C PRO B 154 4.74 9.84 -4.99
N GLY B 155 3.74 9.21 -4.37
CA GLY B 155 2.78 8.40 -5.13
C GLY B 155 1.57 9.13 -5.69
N ALA B 156 0.63 8.38 -6.28
CA ALA B 156 -0.62 8.87 -6.85
C ALA B 156 -1.46 9.54 -5.76
N ASP B 157 -1.34 9.09 -4.49
CA ASP B 157 -2.03 9.71 -3.32
C ASP B 157 -1.58 11.16 -3.15
N TYR B 158 -0.27 11.40 -3.18
CA TYR B 158 0.29 12.77 -3.15
C TYR B 158 -0.22 13.58 -4.35
N GLN B 159 -0.15 13.02 -5.56
CA GLN B 159 -0.55 13.75 -6.77
C GLN B 159 -2.04 14.14 -6.65
N LEU B 160 -2.90 13.23 -6.20
CA LEU B 160 -4.34 13.49 -6.03
C LEU B 160 -4.54 14.57 -4.97
N THR B 161 -3.79 14.54 -3.86
CA THR B 161 -3.92 15.54 -2.78
C THR B 161 -3.70 16.93 -3.39
N LYS B 162 -2.71 17.02 -4.27
CA LYS B 162 -2.34 18.30 -4.95
C LYS B 162 -3.43 18.68 -5.95
N LEU B 163 -3.88 17.74 -6.77
CA LEU B 163 -4.90 18.02 -7.83
C LEU B 163 -6.20 18.48 -7.19
N LEU B 164 -6.65 17.89 -6.09
CA LEU B 164 -7.95 18.26 -5.44
C LEU B 164 -7.84 19.44 -4.48
N GLY B 165 -6.64 19.80 -4.05
CA GLY B 165 -6.41 20.82 -3.00
C GLY B 165 -6.93 20.33 -1.66
N LEU B 166 -6.67 19.07 -1.32
CA LEU B 166 -7.00 18.53 0.01
C LEU B 166 -6.08 19.20 1.02
N ARG B 167 -6.42 19.09 2.29
CA ARG B 167 -5.51 19.66 3.34
C ARG B 167 -4.17 18.93 3.25
N PRO B 168 -3.05 19.63 3.46
CA PRO B 168 -1.73 18.99 3.43
C PRO B 168 -1.59 17.90 4.51
N SER B 169 -2.37 17.98 5.58
CA SER B 169 -2.31 17.03 6.74
C SER B 169 -3.31 15.87 6.56
N VAL B 170 -3.83 15.65 5.36
CA VAL B 170 -4.65 14.45 5.06
C VAL B 170 -3.78 13.19 5.28
N LYS B 171 -4.33 12.22 5.99
CA LYS B 171 -3.64 10.93 6.25
C LYS B 171 -3.82 10.01 5.06
N ARG B 172 -2.71 9.67 4.40
CA ARG B 172 -2.76 8.95 3.13
C ARG B 172 -2.32 7.49 3.31
N TYR B 173 -2.90 6.65 2.47
CA TYR B 173 -2.66 5.20 2.39
C TYR B 173 -2.51 4.92 0.90
N MET B 174 -1.28 4.73 0.46
CA MET B 174 -0.97 4.50 -0.96
C MET B 174 -0.87 3.00 -1.18
N MET B 175 -1.85 2.43 -1.89
CA MET B 175 -2.00 1.00 -2.17
C MET B 175 -1.60 0.74 -3.62
N TYR B 176 -0.35 0.34 -3.83
CA TYR B 176 0.23 0.07 -5.18
C TYR B 176 0.25 -1.44 -5.47
N GLN B 177 0.07 -1.79 -6.75
CA GLN B 177 0.33 -3.12 -7.36
C GLN B 177 -0.55 -4.15 -6.65
N GLN B 178 -1.78 -3.77 -6.36
CA GLN B 178 -2.68 -4.57 -5.49
C GLN B 178 -3.34 -5.71 -6.28
N GLY B 179 -3.87 -5.41 -7.46
CA GLY B 179 -4.66 -6.33 -8.30
C GLY B 179 -6.15 -6.33 -7.96
N PHE B 181 -8.55 -7.82 -6.37
CA PHE B 181 -9.31 -7.99 -5.14
C PHE B 181 -9.39 -6.67 -4.35
N ALA B 182 -8.63 -5.64 -4.71
CA ALA B 182 -8.35 -4.50 -3.82
C ALA B 182 -9.55 -3.53 -3.72
N GLY B 183 -10.61 -3.70 -4.49
CA GLY B 183 -11.81 -2.91 -4.24
C GLY B 183 -12.41 -3.32 -2.90
N GLY B 184 -12.29 -4.60 -2.55
CA GLY B 184 -12.62 -5.07 -1.20
C GLY B 184 -11.65 -4.53 -0.17
N THR B 185 -10.36 -4.57 -0.48
CA THR B 185 -9.30 -4.14 0.44
C THR B 185 -9.52 -2.69 0.86
N VAL B 186 -9.83 -1.81 -0.09
CA VAL B 186 -9.90 -0.36 0.27
C VAL B 186 -11.11 -0.16 1.17
N LEU B 187 -12.19 -0.93 1.02
CA LEU B 187 -13.36 -0.79 1.93
C LEU B 187 -13.01 -1.37 3.30
N ARG B 188 -12.27 -2.47 3.37
CA ARG B 188 -11.81 -3.04 4.67
C ARG B 188 -10.93 -2.04 5.40
N LEU B 189 -10.04 -1.35 4.67
CA LEU B 189 -9.21 -0.31 5.29
C LEU B 189 -10.06 0.91 5.68
N ALA B 190 -10.91 1.42 4.78
CA ALA B 190 -11.71 2.62 5.11
C ALA B 190 -12.58 2.36 6.35
N LYS B 191 -13.14 1.16 6.49
CA LYS B 191 -13.99 0.84 7.65
C LYS B 191 -13.24 1.15 8.97
N ASP B 192 -12.00 0.70 9.12
CA ASP B 192 -11.25 0.89 10.39
C ASP B 192 -10.84 2.36 10.55
N LEU B 193 -10.46 3.05 9.47
CA LEU B 193 -10.10 4.48 9.57
C LEU B 193 -11.30 5.30 10.03
N ALA B 194 -12.46 5.08 9.41
CA ALA B 194 -13.68 5.83 9.77
C ALA B 194 -14.09 5.51 11.21
N GLU B 195 -14.13 4.23 11.59
CA GLU B 195 -14.73 3.80 12.87
C GLU B 195 -13.87 4.18 14.07
N ASN B 196 -12.55 4.21 13.92
CA ASN B 196 -11.62 4.42 15.04
C ASN B 196 -11.34 5.91 15.28
N ASN B 197 -11.88 6.81 14.45
CA ASN B 197 -11.45 8.23 14.45
C ASN B 197 -12.65 9.17 14.34
N LYS B 198 -13.01 9.75 15.47
CA LYS B 198 -14.15 10.69 15.57
C LYS B 198 -14.00 11.81 14.54
N GLY B 199 -15.01 12.00 13.72
CA GLY B 199 -15.03 13.04 12.67
C GLY B 199 -14.39 12.58 11.38
N ALA B 200 -13.74 11.41 11.34
CA ALA B 200 -12.93 11.07 10.17
C ALA B 200 -13.84 10.94 8.94
N ARG B 201 -13.39 11.45 7.81
CA ARG B 201 -14.08 11.28 6.51
C ARG B 201 -13.01 10.82 5.52
N VAL B 202 -13.21 9.64 5.00
CA VAL B 202 -12.21 8.92 4.19
C VAL B 202 -12.58 9.02 2.71
N LEU B 203 -11.71 9.61 1.89
CA LEU B 203 -11.85 9.56 0.45
C LEU B 203 -11.10 8.31 0.00
N VAL B 204 -11.76 7.48 -0.78
CA VAL B 204 -11.20 6.19 -1.31
C VAL B 204 -11.25 6.30 -2.83
N VAL B 205 -10.12 6.12 -3.49
CA VAL B 205 -10.03 6.21 -4.97
C VAL B 205 -9.30 4.97 -5.47
N CYS B 206 -9.93 4.26 -6.38
CA CYS B 206 -9.29 3.18 -7.17
C CYS B 206 -9.24 3.68 -8.60
N SER B 207 -8.06 3.66 -9.21
CA SER B 207 -7.87 4.18 -10.59
C SER B 207 -6.99 3.21 -11.35
N GLU B 208 -7.49 2.69 -12.48
CA GLU B 208 -6.84 1.57 -13.19
C GLU B 208 -6.71 1.91 -14.67
N ILE B 209 -5.49 1.82 -15.20
CA ILE B 209 -5.21 2.17 -16.62
C ILE B 209 -4.40 1.02 -17.25
N THR B 210 -4.93 0.39 -18.28
CA THR B 210 -4.34 -0.84 -18.87
C THR B 210 -3.11 -0.51 -19.72
N ALA B 211 -2.64 0.72 -19.80
CA ALA B 211 -1.42 1.05 -20.56
C ALA B 211 -0.25 0.23 -20.01
N VAL B 212 -0.29 -0.26 -18.77
CA VAL B 212 0.86 -0.99 -18.19
C VAL B 212 0.84 -2.45 -18.66
N THR B 213 -0.33 -2.99 -19.06
CA THR B 213 -0.49 -4.43 -19.42
C THR B 213 -0.72 -4.66 -20.91
N PHE B 214 -1.16 -3.65 -21.64
CA PHE B 214 -1.42 -3.83 -23.09
C PHE B 214 -0.17 -4.40 -23.72
N ARG B 215 -0.33 -5.45 -24.51
CA ARG B 215 0.78 -5.92 -25.36
C ARG B 215 0.26 -6.81 -26.48
N GLY B 216 1.16 -7.05 -27.42
CA GLY B 216 0.86 -7.77 -28.66
C GLY B 216 0.66 -9.24 -28.37
N PRO B 217 0.05 -9.94 -29.33
CA PRO B 217 -0.28 -11.35 -29.16
C PRO B 217 0.87 -12.30 -29.50
N THR B 218 0.88 -13.44 -28.83
CA THR B 218 1.78 -14.58 -29.14
C THR B 218 1.08 -15.88 -28.74
N ASP B 219 1.22 -16.95 -29.54
CA ASP B 219 0.56 -18.26 -29.28
C ASP B 219 1.25 -18.97 -28.10
N THR B 220 2.40 -18.47 -27.66
CA THR B 220 3.23 -18.99 -26.54
C THR B 220 2.62 -18.58 -25.19
N HIS B 221 1.82 -17.50 -25.13
CA HIS B 221 1.18 -17.01 -23.86
C HIS B 221 -0.29 -16.66 -24.11
N LEU B 222 -1.15 -17.67 -24.15
CA LEU B 222 -2.58 -17.51 -24.47
C LEU B 222 -3.29 -16.82 -23.30
N ASP B 223 -2.80 -17.02 -22.07
CA ASP B 223 -3.36 -16.38 -20.86
C ASP B 223 -3.17 -14.86 -21.01
N SER B 224 -2.06 -14.40 -21.59
CA SER B 224 -1.85 -12.95 -21.82
C SER B 224 -2.98 -12.45 -22.74
N LEU B 225 -3.37 -13.22 -23.75
CA LEU B 225 -4.44 -12.83 -24.70
C LEU B 225 -5.80 -12.66 -23.99
N VAL B 226 -6.10 -13.52 -23.02
CA VAL B 226 -7.32 -13.43 -22.16
C VAL B 226 -7.36 -12.03 -21.55
N GLY B 227 -6.24 -11.59 -20.96
CA GLY B 227 -6.11 -10.23 -20.40
C GLY B 227 -6.46 -9.14 -21.40
N GLN B 228 -5.96 -9.24 -22.64
CA GLN B 228 -6.24 -8.27 -23.74
C GLN B 228 -7.74 -8.26 -24.08
N ALA B 229 -8.50 -9.33 -23.82
CA ALA B 229 -9.95 -9.39 -24.09
C ALA B 229 -10.77 -8.76 -22.95
N LEU B 230 -10.27 -8.77 -21.70
CA LEU B 230 -11.13 -8.50 -20.51
C LEU B 230 -10.86 -7.12 -19.89
N PHE B 231 -9.62 -6.68 -19.80
CA PHE B 231 -9.23 -5.56 -18.92
C PHE B 231 -9.56 -4.25 -19.61
N GLY B 232 -10.23 -3.39 -18.86
CA GLY B 232 -10.59 -2.02 -19.25
C GLY B 232 -10.13 -1.02 -18.21
N ASP B 233 -10.31 0.26 -18.51
CA ASP B 233 -9.83 1.39 -17.68
C ASP B 233 -11.00 2.01 -16.93
N GLY B 234 -10.76 2.50 -15.73
CA GLY B 234 -11.76 3.29 -15.02
C GLY B 234 -11.26 3.70 -13.67
N ALA B 235 -11.96 4.62 -13.04
CA ALA B 235 -11.66 5.01 -11.66
C ALA B 235 -12.98 5.17 -10.91
N ALA B 236 -12.98 4.83 -9.63
CA ALA B 236 -14.14 5.03 -8.76
C ALA B 236 -13.69 5.60 -7.42
N ALA B 237 -14.57 6.37 -6.80
CA ALA B 237 -14.25 7.05 -5.53
C ALA B 237 -15.45 6.89 -4.60
N VAL B 238 -15.21 6.71 -3.32
CA VAL B 238 -16.29 6.72 -2.31
C VAL B 238 -15.84 7.61 -1.16
N ILE B 239 -16.81 8.19 -0.50
CA ILE B 239 -16.57 8.82 0.81
C ILE B 239 -17.13 7.87 1.86
N VAL B 240 -16.32 7.58 2.88
CA VAL B 240 -16.68 6.69 4.01
C VAL B 240 -16.50 7.46 5.31
N GLY B 241 -17.50 7.37 6.18
CA GLY B 241 -17.41 7.99 7.51
C GLY B 241 -18.35 7.34 8.49
N SER B 242 -18.05 7.46 9.77
CA SER B 242 -18.97 7.06 10.85
C SER B 242 -19.73 8.31 11.34
N ASP B 243 -20.88 8.09 11.98
CA ASP B 243 -21.63 9.17 12.68
C ASP B 243 -22.02 10.23 11.65
N PRO B 244 -22.83 9.87 10.63
CA PRO B 244 -23.24 10.83 9.62
C PRO B 244 -23.95 12.03 10.23
N LEU B 245 -23.63 13.21 9.69
CA LEU B 245 -24.39 14.45 9.99
C LEU B 245 -25.77 14.32 9.37
N PRO B 246 -26.74 15.12 9.85
CA PRO B 246 -28.05 15.14 9.21
C PRO B 246 -28.04 15.56 7.73
N VAL B 247 -27.10 16.40 7.30
CA VAL B 247 -26.97 16.90 5.90
C VAL B 247 -26.19 15.90 5.03
N GLU B 248 -25.62 14.85 5.60
CA GLU B 248 -25.01 13.77 4.79
C GLU B 248 -26.10 12.75 4.39
N LYS B 249 -25.87 11.95 3.37
CA LYS B 249 -26.88 11.00 2.84
C LYS B 249 -26.23 9.63 2.72
N PRO B 250 -26.31 8.77 3.75
CA PRO B 250 -25.79 7.40 3.69
C PRO B 250 -26.34 6.61 2.49
N LEU B 251 -25.50 5.75 1.91
CA LEU B 251 -25.87 4.83 0.81
C LEU B 251 -25.81 3.38 1.31
N PHE B 252 -24.79 3.03 2.08
CA PHE B 252 -24.52 1.63 2.54
C PHE B 252 -23.73 1.70 3.84
N GLN B 253 -23.89 0.73 4.72
CA GLN B 253 -22.99 0.54 5.89
C GLN B 253 -22.04 -0.63 5.63
N LEU B 254 -20.81 -0.51 6.09
CA LEU B 254 -19.79 -1.58 6.02
C LEU B 254 -19.88 -2.32 7.35
N VAL B 255 -20.21 -3.60 7.34
CA VAL B 255 -20.58 -4.32 8.61
C VAL B 255 -19.44 -5.20 9.11
N TRP B 256 -18.77 -5.90 8.19
CA TRP B 256 -17.84 -7.00 8.52
C TRP B 256 -17.00 -7.32 7.30
N THR B 257 -15.73 -7.68 7.52
CA THR B 257 -14.77 -7.89 6.42
C THR B 257 -13.91 -9.11 6.70
N ALA B 258 -13.45 -9.72 5.63
CA ALA B 258 -12.52 -10.85 5.66
C ALA B 258 -11.67 -10.81 4.38
N GLN B 259 -10.46 -11.35 4.52
CA GLN B 259 -9.58 -11.66 3.41
C GLN B 259 -9.07 -13.08 3.63
N THR B 260 -9.05 -13.90 2.58
CA THR B 260 -8.46 -15.24 2.69
C THR B 260 -7.74 -15.62 1.41
N ILE B 261 -6.83 -16.57 1.54
CA ILE B 261 -6.13 -17.19 0.41
C ILE B 261 -6.74 -18.57 0.22
N LEU B 262 -7.16 -18.88 -0.98
CA LEU B 262 -7.85 -20.14 -1.28
C LEU B 262 -6.81 -21.28 -1.30
N PRO B 263 -7.20 -22.44 -0.75
CA PRO B 263 -6.35 -23.63 -0.77
C PRO B 263 -6.04 -24.06 -2.21
N ASP B 264 -4.85 -24.59 -2.45
CA ASP B 264 -4.45 -25.21 -3.74
C ASP B 264 -4.58 -24.19 -4.86
N SER B 265 -4.31 -22.91 -4.60
CA SER B 265 -4.50 -21.83 -5.61
C SER B 265 -3.17 -21.20 -6.01
N GLU B 266 -2.03 -21.75 -5.59
CA GLU B 266 -0.70 -21.13 -5.77
C GLU B 266 -0.48 -20.89 -7.26
N GLY B 267 -0.14 -19.65 -7.64
CA GLY B 267 0.12 -19.22 -9.02
C GLY B 267 -1.11 -19.11 -9.90
N ALA B 268 -2.34 -19.15 -9.36
CA ALA B 268 -3.55 -19.07 -10.20
C ALA B 268 -3.59 -17.73 -10.95
N ILE B 269 -3.21 -16.64 -10.30
CA ILE B 269 -3.17 -15.30 -10.95
C ILE B 269 -1.89 -14.61 -10.46
N ASP B 270 -0.98 -14.30 -11.38
CA ASP B 270 0.34 -13.68 -11.06
C ASP B 270 0.50 -12.50 -11.99
N GLY B 271 1.25 -11.51 -11.54
CA GLY B 271 1.61 -10.38 -12.39
C GLY B 271 2.96 -9.86 -11.98
N HIS B 272 3.84 -9.67 -12.93
CA HIS B 272 5.23 -9.26 -12.65
C HIS B 272 5.49 -7.93 -13.33
N LEU B 273 6.13 -7.00 -12.64
CA LEU B 273 6.49 -5.70 -13.26
C LEU B 273 7.91 -5.81 -13.78
N ARG B 274 8.07 -5.76 -15.11
CA ARG B 274 9.35 -6.06 -15.79
C ARG B 274 9.64 -4.91 -16.76
N GLU B 275 10.77 -4.99 -17.45
CA GLU B 275 11.19 -3.98 -18.45
C GLU B 275 10.19 -3.91 -19.60
N VAL B 276 9.39 -4.95 -19.80
CA VAL B 276 8.35 -5.03 -20.87
C VAL B 276 6.99 -4.59 -20.32
N GLY B 277 6.94 -4.06 -19.10
CA GLY B 277 5.64 -3.70 -18.49
C GLY B 277 5.13 -4.75 -17.55
N LEU B 278 3.84 -4.68 -17.23
CA LEU B 278 3.21 -5.66 -16.31
C LEU B 278 2.73 -6.85 -17.12
N THR B 279 3.29 -8.01 -16.81
CA THR B 279 2.98 -9.31 -17.43
C THR B 279 1.90 -9.94 -16.54
N PHE B 280 1.02 -10.69 -17.17
CA PHE B 280 -0.20 -11.31 -16.58
C PHE B 280 -0.08 -12.81 -16.83
N HIS B 281 -0.24 -13.64 -15.79
CA HIS B 281 -0.31 -15.13 -15.88
C HIS B 281 -1.61 -15.58 -15.24
N LEU B 282 -2.37 -16.44 -15.93
CA LEU B 282 -3.73 -16.76 -15.50
C LEU B 282 -4.07 -18.22 -15.81
N LEU B 283 -4.32 -19.03 -14.78
CA LEU B 283 -4.65 -20.48 -14.93
C LEU B 283 -6.15 -20.60 -15.23
N LYS B 284 -6.52 -21.61 -16.03
CA LYS B 284 -7.94 -21.97 -16.30
C LYS B 284 -8.61 -22.42 -14.99
N ASP B 285 -7.84 -22.62 -13.91
CA ASP B 285 -8.38 -23.14 -12.63
C ASP B 285 -9.23 -22.07 -11.90
N VAL B 286 -9.19 -20.80 -12.28
CA VAL B 286 -9.65 -19.68 -11.40
C VAL B 286 -11.15 -19.78 -11.10
N PRO B 287 -12.03 -19.90 -12.11
CA PRO B 287 -13.47 -19.99 -11.82
C PRO B 287 -13.83 -21.15 -10.91
N GLY B 288 -13.19 -22.32 -11.13
CA GLY B 288 -13.42 -23.53 -10.32
C GLY B 288 -12.99 -23.31 -8.89
N LEU B 289 -11.82 -22.70 -8.69
CA LEU B 289 -11.27 -22.42 -7.34
C LEU B 289 -12.23 -21.51 -6.59
N ILE B 290 -12.68 -20.44 -7.23
CA ILE B 290 -13.58 -19.44 -6.59
C ILE B 290 -14.91 -20.14 -6.25
N SER B 291 -15.49 -20.88 -7.19
CA SER B 291 -16.84 -21.46 -6.98
C SER B 291 -16.75 -22.58 -5.96
N LYS B 292 -15.65 -23.33 -5.94
CA LYS B 292 -15.42 -24.40 -4.95
C LYS B 292 -15.32 -23.86 -3.52
N ASN B 293 -14.93 -22.59 -3.32
CA ASN B 293 -14.58 -22.01 -2.00
C ASN B 293 -15.57 -20.91 -1.56
N ILE B 294 -16.49 -20.48 -2.41
CA ILE B 294 -17.29 -19.25 -2.16
C ILE B 294 -18.26 -19.52 -1.00
N GLU B 295 -18.81 -20.73 -0.91
CA GLU B 295 -19.83 -20.98 0.14
C GLU B 295 -19.18 -20.88 1.52
N LYS B 296 -17.97 -21.39 1.69
CA LYS B 296 -17.25 -21.28 2.97
C LYS B 296 -17.13 -19.78 3.37
N ALA B 297 -16.78 -18.92 2.42
CA ALA B 297 -16.63 -17.46 2.63
C ALA B 297 -17.99 -16.88 3.06
N LEU B 298 -19.09 -17.26 2.39
CA LEU B 298 -20.47 -16.80 2.72
C LEU B 298 -20.86 -17.27 4.11
N VAL B 299 -20.59 -18.54 4.50
CA VAL B 299 -20.94 -19.03 5.86
C VAL B 299 -20.19 -18.23 6.93
N GLU B 300 -18.91 -17.98 6.72
CA GLU B 300 -18.14 -17.20 7.71
C GLU B 300 -18.77 -15.80 7.87
N ALA B 301 -19.24 -15.20 6.77
CA ALA B 301 -19.81 -13.83 6.79
C ALA B 301 -21.24 -13.81 7.38
N PHE B 302 -22.08 -14.77 6.98
CA PHE B 302 -23.56 -14.66 7.18
C PHE B 302 -24.13 -15.59 8.24
N GLN B 303 -23.46 -16.67 8.63
CA GLN B 303 -24.02 -17.58 9.65
C GLN B 303 -24.13 -16.82 10.97
N PRO B 304 -23.17 -15.97 11.41
CA PRO B 304 -23.38 -15.15 12.61
C PRO B 304 -24.55 -14.16 12.52
N LEU B 305 -25.00 -13.80 11.31
CA LEU B 305 -26.16 -12.88 11.11
C LEU B 305 -27.45 -13.68 10.92
N GLY B 306 -27.39 -15.01 10.97
CA GLY B 306 -28.58 -15.87 10.83
C GLY B 306 -29.02 -15.96 9.38
N ILE B 307 -28.12 -15.74 8.42
CA ILE B 307 -28.52 -15.76 7.00
C ILE B 307 -27.86 -16.96 6.31
N SER B 308 -28.67 -17.79 5.66
CA SER B 308 -28.22 -18.94 4.87
C SER B 308 -28.85 -18.94 3.47
N ASP B 309 -29.82 -18.07 3.19
CA ASP B 309 -30.38 -17.99 1.82
C ASP B 309 -29.64 -16.89 1.04
N TYR B 310 -28.77 -17.26 0.10
CA TYR B 310 -27.91 -16.27 -0.59
C TYR B 310 -28.66 -15.60 -1.72
N ASN B 311 -29.91 -16.00 -1.99
CA ASN B 311 -30.84 -15.25 -2.87
C ASN B 311 -31.54 -14.10 -2.12
N SER B 312 -31.45 -14.00 -0.80
CA SER B 312 -32.09 -12.99 0.08
C SER B 312 -31.17 -11.78 0.34
N ILE B 313 -29.95 -11.79 -0.20
CA ILE B 313 -28.96 -10.68 -0.04
C ILE B 313 -28.66 -10.11 -1.42
N PHE B 314 -28.21 -8.85 -1.48
CA PHE B 314 -27.83 -8.25 -2.77
C PHE B 314 -26.35 -8.58 -3.00
N TRP B 315 -25.95 -8.68 -4.26
CA TRP B 315 -24.65 -9.23 -4.69
C TRP B 315 -23.86 -8.16 -5.43
N ILE B 316 -22.60 -8.02 -5.00
CA ILE B 316 -21.57 -7.32 -5.79
C ILE B 316 -20.40 -8.28 -5.89
N ALA B 317 -20.09 -8.77 -7.08
CA ALA B 317 -18.96 -9.70 -7.27
C ALA B 317 -18.02 -9.10 -8.29
N HIS B 318 -16.74 -9.13 -7.98
CA HIS B 318 -15.70 -8.70 -8.94
C HIS B 318 -15.83 -9.52 -10.22
N PRO B 319 -16.13 -8.92 -11.37
CA PRO B 319 -16.33 -9.71 -12.59
C PRO B 319 -15.02 -10.02 -13.32
N GLY B 320 -14.17 -10.86 -12.70
CA GLY B 320 -12.87 -11.22 -13.24
C GLY B 320 -13.04 -11.75 -14.67
N GLY B 321 -14.09 -12.54 -14.87
CA GLY B 321 -14.59 -12.90 -16.21
C GLY B 321 -15.98 -13.52 -16.06
N PRO B 322 -16.73 -13.71 -17.15
CA PRO B 322 -18.08 -14.25 -17.04
C PRO B 322 -18.10 -15.67 -16.44
N ALA B 323 -17.03 -16.47 -16.68
CA ALA B 323 -16.92 -17.85 -16.18
C ALA B 323 -16.93 -17.85 -14.65
N ILE B 324 -16.33 -16.86 -13.97
CA ILE B 324 -16.40 -16.82 -12.48
C ILE B 324 -17.86 -16.69 -12.04
N LEU B 325 -18.56 -15.73 -12.63
CA LEU B 325 -19.95 -15.38 -12.26
C LEU B 325 -20.87 -16.56 -12.57
N ASP B 326 -20.70 -17.18 -13.73
CA ASP B 326 -21.57 -18.32 -14.14
C ASP B 326 -21.37 -19.48 -13.16
N GLN B 327 -20.14 -19.80 -12.78
CA GLN B 327 -19.84 -20.97 -11.92
C GLN B 327 -20.24 -20.70 -10.49
N VAL B 328 -20.08 -19.48 -9.98
CA VAL B 328 -20.62 -19.10 -8.64
C VAL B 328 -22.15 -19.25 -8.64
N GLU B 329 -22.82 -18.64 -9.61
CA GLU B 329 -24.31 -18.66 -9.72
C GLU B 329 -24.79 -20.13 -9.67
N ALA B 330 -24.17 -21.01 -10.45
CA ALA B 330 -24.57 -22.43 -10.61
C ALA B 330 -24.27 -23.15 -9.30
N LYS B 331 -23.10 -22.90 -8.69
CA LYS B 331 -22.71 -23.60 -7.44
C LYS B 331 -23.73 -23.29 -6.32
N LEU B 332 -24.14 -22.03 -6.16
CA LEU B 332 -24.98 -21.59 -5.04
C LEU B 332 -26.47 -21.68 -5.40
N GLY B 333 -26.80 -21.89 -6.68
CA GLY B 333 -28.18 -21.83 -7.19
C GLY B 333 -28.74 -20.42 -7.04
N LEU B 334 -27.94 -19.39 -7.36
CA LEU B 334 -28.45 -18.00 -7.33
C LEU B 334 -29.50 -17.88 -8.42
N LYS B 335 -30.57 -17.13 -8.18
CA LYS B 335 -31.45 -16.75 -9.31
C LYS B 335 -30.61 -15.95 -10.30
N PRO B 336 -30.97 -15.98 -11.58
CA PRO B 336 -30.24 -15.23 -12.59
C PRO B 336 -30.18 -13.72 -12.36
N GLU B 337 -31.15 -13.14 -11.65
CA GLU B 337 -31.24 -11.68 -11.41
C GLU B 337 -30.13 -11.23 -10.42
N LYS B 338 -29.63 -12.10 -9.56
CA LYS B 338 -28.72 -11.69 -8.44
C LYS B 338 -27.46 -11.01 -9.02
N MET B 339 -26.91 -11.52 -10.12
CA MET B 339 -25.66 -11.03 -10.75
C MET B 339 -25.95 -9.90 -11.75
N GLU B 340 -27.17 -9.35 -11.84
CA GLU B 340 -27.55 -8.37 -12.91
C GLU B 340 -26.63 -7.14 -12.88
N ALA B 341 -26.49 -6.51 -11.72
CA ALA B 341 -25.68 -5.28 -11.55
C ALA B 341 -24.23 -5.58 -11.91
N THR B 342 -23.68 -6.70 -11.43
CA THR B 342 -22.31 -7.13 -11.75
C THR B 342 -22.14 -7.30 -13.26
N ARG B 343 -23.03 -8.06 -13.94
CA ARG B 343 -22.91 -8.32 -15.39
C ARG B 343 -23.11 -7.03 -16.19
N HIS B 344 -23.90 -6.09 -15.67
CA HIS B 344 -24.13 -4.77 -16.31
C HIS B 344 -22.79 -4.06 -16.43
N VAL B 345 -22.06 -3.99 -15.35
CA VAL B 345 -20.74 -3.30 -15.35
C VAL B 345 -19.79 -4.08 -16.26
N LEU B 346 -19.72 -5.41 -16.15
CA LEU B 346 -18.83 -6.22 -17.03
C LEU B 346 -19.14 -5.88 -18.49
N SER B 347 -20.42 -5.80 -18.85
CA SER B 347 -20.91 -5.53 -20.23
C SER B 347 -20.49 -4.14 -20.71
N GLU B 348 -20.65 -3.11 -19.87
CA GLU B 348 -20.45 -1.70 -20.28
C GLU B 348 -19.02 -1.21 -20.04
N TYR B 349 -18.18 -1.92 -19.28
CA TYR B 349 -16.85 -1.40 -18.87
C TYR B 349 -15.72 -2.44 -18.92
N GLY B 350 -16.04 -3.73 -19.01
CA GLY B 350 -15.05 -4.79 -18.85
C GLY B 350 -14.52 -4.85 -17.42
N ASN B 351 -13.41 -5.53 -17.24
CA ASN B 351 -12.79 -5.82 -15.92
C ASN B 351 -11.84 -4.65 -15.64
N MET B 352 -12.24 -3.73 -14.78
CA MET B 352 -11.44 -2.53 -14.43
C MET B 352 -10.69 -2.77 -13.11
N SER B 353 -10.28 -4.01 -12.87
CA SER B 353 -9.47 -4.40 -11.69
C SER B 353 -10.10 -3.81 -10.41
N SER B 354 -9.35 -3.14 -9.54
CA SER B 354 -9.84 -2.76 -8.19
C SER B 354 -11.09 -1.87 -8.27
N ALA B 355 -11.29 -1.08 -9.32
CA ALA B 355 -12.40 -0.11 -9.42
C ALA B 355 -13.76 -0.80 -9.64
N CYS B 356 -13.78 -1.98 -10.26
CA CYS B 356 -15.02 -2.65 -10.73
C CYS B 356 -16.11 -2.73 -9.67
N VAL B 357 -15.82 -3.25 -8.50
CA VAL B 357 -16.86 -3.49 -7.46
C VAL B 357 -17.47 -2.16 -7.02
N LEU B 358 -16.72 -1.07 -7.13
CA LEU B 358 -17.24 0.27 -6.77
C LEU B 358 -18.18 0.77 -7.88
N PHE B 359 -17.90 0.53 -9.15
CA PHE B 359 -18.85 0.81 -10.26
C PHE B 359 -20.11 0.01 -10.02
N ILE B 360 -19.99 -1.23 -9.54
CA ILE B 360 -21.17 -2.14 -9.36
C ILE B 360 -22.02 -1.63 -8.23
N LEU B 361 -21.40 -1.18 -7.13
CA LEU B 361 -22.16 -0.56 -6.00
C LEU B 361 -22.93 0.66 -6.54
N ASP B 362 -22.32 1.46 -7.41
CA ASP B 362 -23.01 2.66 -7.95
C ASP B 362 -24.18 2.22 -8.83
N GLN B 363 -23.94 1.21 -9.67
CA GLN B 363 -24.97 0.70 -10.61
C GLN B 363 -26.16 0.13 -9.83
N MET B 364 -25.90 -0.54 -8.72
CA MET B 364 -26.96 -1.13 -7.89
C MET B 364 -27.82 0.00 -7.28
N ARG B 365 -27.19 1.02 -6.72
CA ARG B 365 -27.90 2.20 -6.16
C ARG B 365 -28.72 2.82 -7.30
N LYS B 366 -28.13 2.99 -8.48
CA LYS B 366 -28.76 3.74 -9.60
C LYS B 366 -29.99 2.98 -10.12
N LYS B 367 -29.89 1.66 -10.24
CA LYS B 367 -31.00 0.81 -10.70
C LYS B 367 -32.08 0.74 -9.64
N SER B 368 -31.69 0.70 -8.37
CA SER B 368 -32.66 0.68 -7.25
C SER B 368 -33.49 1.98 -7.27
N ILE B 369 -32.83 3.12 -7.55
CA ILE B 369 -33.54 4.43 -7.66
C ILE B 369 -34.46 4.37 -8.89
N GLU B 370 -33.92 3.95 -10.03
CA GLU B 370 -34.66 3.99 -11.32
C GLU B 370 -35.94 3.19 -11.18
N ASN B 371 -35.85 2.06 -10.47
CA ASN B 371 -36.96 1.07 -10.42
C ASN B 371 -37.81 1.26 -9.17
N GLY B 372 -37.57 2.28 -8.36
CA GLY B 372 -38.38 2.59 -7.17
C GLY B 372 -38.35 1.48 -6.13
N LEU B 373 -37.19 0.86 -5.89
CA LEU B 373 -37.11 -0.22 -4.87
C LEU B 373 -36.96 0.41 -3.48
N GLY B 374 -37.12 -0.35 -2.43
CA GLY B 374 -37.21 0.30 -1.11
C GLY B 374 -35.83 0.72 -0.59
N THR B 375 -34.74 0.18 -1.14
CA THR B 375 -33.38 0.32 -0.52
C THR B 375 -32.38 0.46 -1.65
N THR B 376 -31.19 0.97 -1.34
CA THR B 376 -30.07 1.10 -2.29
C THR B 376 -29.54 -0.29 -2.68
N GLY B 377 -29.96 -1.35 -1.97
CA GLY B 377 -29.57 -2.74 -2.29
C GLY B 377 -30.71 -3.52 -2.92
N GLU B 378 -31.32 -2.99 -3.98
CA GLU B 378 -32.37 -3.69 -4.77
C GLU B 378 -33.55 -4.05 -3.86
N GLY B 379 -33.79 -3.27 -2.81
CA GLY B 379 -34.91 -3.52 -1.88
C GLY B 379 -34.59 -4.51 -0.78
N LEU B 380 -33.38 -5.10 -0.78
CA LEU B 380 -32.96 -6.01 0.32
C LEU B 380 -32.11 -5.25 1.36
N ASP B 381 -32.05 -5.78 2.57
CA ASP B 381 -31.34 -5.16 3.70
C ASP B 381 -29.84 -5.51 3.67
N TRP B 382 -29.47 -6.79 3.48
CA TRP B 382 -28.07 -7.25 3.61
C TRP B 382 -27.49 -7.54 2.22
N GLY B 383 -26.19 -7.32 2.07
CA GLY B 383 -25.52 -7.53 0.79
C GLY B 383 -24.11 -8.03 1.03
N VAL B 384 -23.55 -8.61 -0.01
CA VAL B 384 -22.15 -9.06 0.00
C VAL B 384 -21.41 -8.45 -1.18
N LEU B 385 -20.17 -8.03 -0.93
CA LEU B 385 -19.22 -7.58 -1.95
C LEU B 385 -17.98 -8.48 -1.90
N PHE B 386 -17.62 -9.01 -3.05
CA PHE B 386 -16.46 -9.91 -3.20
C PHE B 386 -15.45 -9.29 -4.16
N GLY B 387 -14.20 -9.28 -3.72
CA GLY B 387 -13.04 -9.06 -4.60
C GLY B 387 -12.28 -10.36 -4.77
N PHE B 388 -11.80 -10.62 -5.98
CA PHE B 388 -11.03 -11.83 -6.37
C PHE B 388 -9.77 -11.36 -7.05
N GLY B 389 -8.62 -11.95 -6.73
CA GLY B 389 -7.37 -11.54 -7.36
C GLY B 389 -6.19 -12.39 -6.90
N PRO B 390 -4.96 -11.90 -7.18
CA PRO B 390 -3.74 -12.69 -6.97
C PRO B 390 -3.69 -13.30 -5.57
N GLY B 391 -3.29 -14.56 -5.49
CA GLY B 391 -3.17 -15.28 -4.22
C GLY B 391 -3.39 -16.78 -4.30
N LEU B 392 -4.60 -17.25 -4.66
CA LEU B 392 -5.78 -16.50 -5.04
C LEU B 392 -6.46 -15.95 -3.77
N THR B 393 -6.59 -14.64 -3.73
CA THR B 393 -7.16 -13.88 -2.60
C THR B 393 -8.65 -13.63 -2.87
N VAL B 394 -9.47 -13.86 -1.86
CA VAL B 394 -10.90 -13.45 -1.83
C VAL B 394 -11.08 -12.43 -0.72
N GLU B 395 -11.59 -11.24 -1.07
CA GLU B 395 -12.02 -10.23 -0.09
C GLU B 395 -13.53 -10.34 0.06
N THR B 396 -14.04 -10.33 1.29
CA THR B 396 -15.48 -10.32 1.59
C THR B 396 -15.80 -9.06 2.36
N VAL B 397 -16.84 -8.34 1.93
CA VAL B 397 -17.39 -7.20 2.71
C VAL B 397 -18.90 -7.42 2.85
N VAL B 398 -19.35 -7.50 4.08
CA VAL B 398 -20.81 -7.52 4.35
C VAL B 398 -21.31 -6.08 4.40
N LEU B 399 -22.40 -5.81 3.69
CA LEU B 399 -23.00 -4.48 3.54
C LEU B 399 -24.42 -4.51 4.10
N ARG B 400 -24.85 -3.35 4.58
CA ARG B 400 -26.27 -3.07 4.84
C ARG B 400 -26.70 -1.95 3.90
N SER B 401 -27.86 -2.07 3.26
CA SER B 401 -28.41 -1.01 2.38
C SER B 401 -29.01 0.08 3.28
N VAL B 402 -29.45 1.16 2.64
CA VAL B 402 -30.21 2.23 3.32
C VAL B 402 -31.54 2.37 2.61
N THR B 403 -32.60 2.78 3.33
CA THR B 403 -33.94 2.94 2.70
C THR B 403 -33.93 4.16 1.78
N LEU B 404 -34.66 4.06 0.67
CA LEU B 404 -34.88 5.18 -0.27
C LEU B 404 -36.22 5.85 0.05
#